data_5VYO
#
_entry.id   5VYO
#
_cell.length_a   56.794
_cell.length_b   59.684
_cell.length_c   71.759
_cell.angle_alpha   89.490
_cell.angle_beta   67.790
_cell.angle_gamma   81.030
#
_symmetry.space_group_name_H-M   'P 1'
#
loop_
_entity.id
_entity.type
_entity.pdbx_description
1 polymer 'Thiol:disulfide interchange protein'
2 polymer 'Disulfide bond formation protein B'
3 water water
#
loop_
_entity_poly.entity_id
_entity_poly.type
_entity_poly.pdbx_seq_one_letter_code
_entity_poly.pdbx_strand_id
1 'polypeptide(L)'
;SNAAGFAQASPSAPVAGKDFEVMKSPQPVSAPAGKVEVIEFFWYGCPHAYEFEPTIEAWVKKQGDKIAFKRVPVAFRDDF
VPHSKLFYALAALGVSEKVTPAVFNAIHKEKNYLLTPQAQADFLATQGVDKKKFLDAYNSFSVQGQVKQSAELLKNYNID
GVPTIVVQGKYKTGPAYTNSLEGTAQVLDFLVKQVQDKKL
;
A,B,C,D
2 'polypeptide(L)' GFSCGF E,F,G,H
#
# COMPACT_ATOMS: atom_id res chain seq x y z
N SER A 12 28.35 15.68 8.11
CA SER A 12 27.00 15.32 8.52
C SER A 12 26.04 16.49 8.32
N ALA A 13 26.59 17.70 8.12
CA ALA A 13 25.75 18.87 7.93
C ALA A 13 25.14 18.86 6.53
N PRO A 14 23.93 19.40 6.37
CA PRO A 14 23.31 19.46 5.04
C PRO A 14 24.22 20.15 4.03
N VAL A 15 24.24 19.62 2.82
CA VAL A 15 25.10 20.13 1.74
C VAL A 15 24.28 21.07 0.88
N ALA A 16 24.76 22.30 0.72
CA ALA A 16 24.12 23.25 -0.16
C ALA A 16 24.11 22.72 -1.59
N GLY A 17 23.03 22.99 -2.32
CA GLY A 17 22.85 22.45 -3.65
C GLY A 17 22.47 20.98 -3.69
N LYS A 18 22.43 20.30 -2.54
CA LYS A 18 22.02 18.91 -2.46
C LYS A 18 20.87 18.73 -1.46
N ASP A 19 21.11 19.02 -0.18
CA ASP A 19 20.07 18.89 0.83
C ASP A 19 19.17 20.12 0.89
N PHE A 20 19.60 21.24 0.32
CA PHE A 20 18.78 22.44 0.21
C PHE A 20 19.34 23.28 -0.92
N GLU A 21 18.53 24.21 -1.40
CA GLU A 21 18.88 25.04 -2.54
C GLU A 21 18.96 26.50 -2.11
N VAL A 22 20.12 27.12 -2.35
CA VAL A 22 20.29 28.55 -2.12
C VAL A 22 19.66 29.28 -3.30
N MET A 23 18.53 29.95 -3.05
CA MET A 23 17.80 30.59 -4.13
C MET A 23 18.65 31.68 -4.77
N LYS A 24 18.51 31.83 -6.08
CA LYS A 24 19.26 32.86 -6.81
C LYS A 24 18.62 34.23 -6.62
N SER A 25 17.30 34.29 -6.65
CA SER A 25 16.57 35.53 -6.44
C SER A 25 15.80 35.46 -5.13
N PRO A 26 16.45 35.74 -3.99
CA PRO A 26 15.75 35.68 -2.70
C PRO A 26 14.60 36.67 -2.64
N GLN A 27 13.63 36.35 -1.79
CA GLN A 27 12.35 37.07 -1.76
C GLN A 27 12.25 37.97 -0.53
N PRO A 28 11.40 39.00 -0.60
CA PRO A 28 11.18 39.83 0.60
C PRO A 28 10.70 39.00 1.78
N VAL A 29 11.20 39.36 2.96
CA VAL A 29 10.90 38.64 4.19
C VAL A 29 10.02 39.52 5.06
N SER A 30 8.89 38.97 5.50
CA SER A 30 7.94 39.71 6.34
C SER A 30 8.15 39.46 7.83
N ALA A 31 9.06 38.57 8.20
CA ALA A 31 9.31 38.31 9.61
C ALA A 31 9.89 39.56 10.28
N PRO A 32 9.59 39.77 11.57
CA PRO A 32 10.06 41.00 12.27
C PRO A 32 11.47 40.90 12.84
N ALA A 33 12.45 40.78 11.95
CA ALA A 33 13.86 40.88 12.32
C ALA A 33 14.28 39.79 13.30
N GLY A 34 13.70 39.80 14.50
CA GLY A 34 14.08 38.80 15.50
C GLY A 34 13.77 37.38 15.06
N LYS A 35 12.67 37.21 14.32
CA LYS A 35 12.21 35.90 13.92
C LYS A 35 12.82 35.47 12.60
N VAL A 36 12.86 34.15 12.40
CA VAL A 36 13.24 33.55 11.12
C VAL A 36 11.97 33.16 10.38
N GLU A 37 11.87 33.57 9.13
CA GLU A 37 10.68 33.26 8.34
C GLU A 37 10.77 31.83 7.81
N VAL A 38 9.64 31.12 7.88
CA VAL A 38 9.54 29.75 7.42
C VAL A 38 8.23 29.62 6.65
N ILE A 39 8.31 29.20 5.39
CA ILE A 39 7.15 29.08 4.52
C ILE A 39 7.08 27.65 4.02
N GLU A 40 5.94 27.00 4.25
CA GLU A 40 5.67 25.68 3.71
C GLU A 40 4.71 25.82 2.53
N PHE A 41 5.22 25.63 1.33
CA PHE A 41 4.37 25.43 0.16
C PHE A 41 3.83 24.00 0.20
N PHE A 42 2.51 23.86 0.33
CA PHE A 42 1.91 22.55 0.54
C PHE A 42 0.68 22.42 -0.35
N TRP A 43 0.05 21.25 -0.27
CA TRP A 43 -1.18 20.97 -1.00
C TRP A 43 -1.96 19.93 -0.21
N TYR A 44 -3.25 20.21 0.02
CA TYR A 44 -4.09 19.27 0.77
C TYR A 44 -4.02 17.87 0.18
N GLY A 45 -3.93 17.76 -1.14
CA GLY A 45 -3.99 16.47 -1.80
C GLY A 45 -2.68 15.72 -1.87
N CYS A 46 -1.56 16.35 -1.53
CA CYS A 46 -0.27 15.71 -1.59
CA CYS A 46 -0.27 15.71 -1.59
C CYS A 46 -0.10 14.79 -0.39
N PRO A 47 -0.01 13.47 -0.56
CA PRO A 47 0.19 12.59 0.60
C PRO A 47 1.50 12.83 1.32
N HIS A 48 2.50 13.40 0.63
CA HIS A 48 3.76 13.74 1.30
C HIS A 48 3.55 14.94 2.23
N ALA A 49 2.76 15.92 1.81
CA ALA A 49 2.41 17.02 2.70
C ALA A 49 1.49 16.55 3.82
N TYR A 50 0.65 15.55 3.54
CA TYR A 50 -0.22 14.99 4.57
C TYR A 50 0.59 14.33 5.67
N GLU A 51 1.49 13.41 5.30
CA GLU A 51 2.29 12.71 6.31
C GLU A 51 3.23 13.65 7.04
N PHE A 52 3.60 14.77 6.41
CA PHE A 52 4.52 15.72 7.03
C PHE A 52 3.83 16.62 8.03
N GLU A 53 2.50 16.70 8.01
CA GLU A 53 1.77 17.64 8.85
C GLU A 53 2.14 17.53 10.33
N PRO A 54 2.16 16.35 10.96
CA PRO A 54 2.49 16.32 12.39
C PRO A 54 3.93 16.69 12.67
N THR A 55 4.85 16.41 11.75
CA THR A 55 6.26 16.72 12.00
C THR A 55 6.52 18.22 11.96
N ILE A 56 6.03 18.89 10.92
CA ILE A 56 6.28 20.33 10.80
C ILE A 56 5.49 21.09 11.85
N GLU A 57 4.28 20.63 12.17
CA GLU A 57 3.50 21.27 13.22
C GLU A 57 4.26 21.30 14.54
N ALA A 58 4.56 20.12 15.09
CA ALA A 58 5.26 20.05 16.37
C ALA A 58 6.51 20.90 16.38
N TRP A 59 7.25 20.90 15.26
CA TRP A 59 8.49 21.66 15.20
C TRP A 59 8.22 23.16 15.22
N VAL A 60 7.24 23.62 14.44
CA VAL A 60 6.90 25.04 14.43
C VAL A 60 6.51 25.50 15.83
N LYS A 61 5.80 24.65 16.57
CA LYS A 61 5.40 25.00 17.94
C LYS A 61 6.60 24.99 18.88
N LYS A 62 7.59 24.16 18.59
CA LYS A 62 8.79 24.08 19.44
C LYS A 62 9.63 25.34 19.33
N GLN A 63 9.65 25.97 18.15
CA GLN A 63 10.43 27.18 17.96
C GLN A 63 9.77 28.38 18.62
N GLY A 64 8.43 28.45 18.56
CA GLY A 64 7.72 29.52 19.24
C GLY A 64 8.10 30.88 18.68
N ASP A 65 8.47 31.81 19.58
CA ASP A 65 8.78 33.17 19.18
C ASP A 65 9.94 33.26 18.21
N LYS A 66 10.69 32.18 17.98
CA LYS A 66 11.90 32.25 17.19
C LYS A 66 11.64 32.26 15.68
N ILE A 67 10.43 31.95 15.23
CA ILE A 67 10.12 31.90 13.80
C ILE A 67 8.75 32.51 13.53
N ALA A 68 8.55 32.88 12.27
CA ALA A 68 7.24 33.30 11.75
C ALA A 68 6.88 32.30 10.65
N PHE A 69 6.04 31.33 10.99
CA PHE A 69 5.70 30.25 10.09
C PHE A 69 4.37 30.53 9.39
N LYS A 70 4.29 30.18 8.11
CA LYS A 70 3.05 30.28 7.37
C LYS A 70 3.04 29.24 6.26
N ARG A 71 1.84 28.94 5.77
CA ARG A 71 1.65 27.99 4.68
C ARG A 71 1.12 28.72 3.45
N VAL A 72 1.44 28.15 2.28
CA VAL A 72 0.94 28.67 1.01
C VAL A 72 0.39 27.50 0.22
N PRO A 73 -0.91 27.45 -0.07
CA PRO A 73 -1.45 26.31 -0.82
C PRO A 73 -0.99 26.36 -2.27
N VAL A 74 -0.71 25.17 -2.82
CA VAL A 74 -0.23 25.03 -4.19
C VAL A 74 -1.30 24.33 -5.00
N ALA A 75 -1.61 24.89 -6.17
CA ALA A 75 -2.56 24.30 -7.12
C ALA A 75 -1.81 24.12 -8.43
N PHE A 76 -1.38 22.88 -8.71
CA PHE A 76 -0.60 22.61 -9.91
C PHE A 76 -1.46 22.61 -11.17
N ARG A 77 -2.76 22.36 -11.04
CA ARG A 77 -3.70 22.45 -12.15
C ARG A 77 -4.96 23.15 -11.65
N ASP A 78 -5.79 23.59 -12.60
CA ASP A 78 -7.03 24.25 -12.21
C ASP A 78 -7.92 23.34 -11.38
N ASP A 79 -7.77 22.02 -11.53
CA ASP A 79 -8.57 21.09 -10.75
C ASP A 79 -8.50 21.39 -9.26
N PHE A 80 -7.35 21.89 -8.78
CA PHE A 80 -7.10 22.00 -7.36
C PHE A 80 -7.07 23.44 -6.87
N VAL A 81 -7.48 24.40 -7.70
CA VAL A 81 -7.68 25.77 -7.21
C VAL A 81 -8.69 25.79 -6.08
N PRO A 82 -9.79 25.05 -6.13
CA PRO A 82 -10.69 25.00 -4.96
C PRO A 82 -9.99 24.60 -3.68
N HIS A 83 -8.89 23.84 -3.76
CA HIS A 83 -8.14 23.52 -2.55
C HIS A 83 -7.37 24.73 -2.03
N SER A 84 -6.97 25.64 -2.93
CA SER A 84 -6.37 26.89 -2.47
C SER A 84 -7.44 27.83 -1.92
N LYS A 85 -8.60 27.89 -2.57
CA LYS A 85 -9.71 28.66 -2.03
C LYS A 85 -10.16 28.10 -0.69
N LEU A 86 -10.14 26.77 -0.55
CA LEU A 86 -10.49 26.15 0.73
C LEU A 86 -9.54 26.60 1.82
N PHE A 87 -8.24 26.63 1.53
CA PHE A 87 -7.25 26.99 2.56
C PHE A 87 -7.51 28.37 3.12
N TYR A 88 -7.74 29.36 2.24
CA TYR A 88 -7.95 30.73 2.68
C TYR A 88 -9.36 30.98 3.18
N ALA A 89 -10.34 30.19 2.74
CA ALA A 89 -11.69 30.35 3.25
C ALA A 89 -11.78 29.91 4.71
N LEU A 90 -11.10 28.82 5.06
CA LEU A 90 -11.06 28.39 6.46
C LEU A 90 -10.33 29.41 7.32
N ALA A 91 -9.19 29.91 6.85
CA ALA A 91 -8.46 30.93 7.61
C ALA A 91 -9.30 32.18 7.81
N ALA A 92 -10.02 32.60 6.76
CA ALA A 92 -10.90 33.76 6.90
C ALA A 92 -11.96 33.55 7.97
N LEU A 93 -12.32 32.29 8.24
CA LEU A 93 -13.26 31.97 9.31
C LEU A 93 -12.59 31.72 10.64
N GLY A 94 -11.27 31.53 10.66
CA GLY A 94 -10.58 31.22 11.89
C GLY A 94 -10.79 29.80 12.39
N VAL A 95 -11.19 28.89 11.51
CA VAL A 95 -11.41 27.49 11.87
C VAL A 95 -10.32 26.58 11.32
N SER A 96 -9.26 27.16 10.75
CA SER A 96 -8.23 26.36 10.07
C SER A 96 -7.67 25.28 10.99
N GLU A 97 -7.11 25.69 12.13
CA GLU A 97 -6.47 24.73 13.03
C GLU A 97 -7.45 23.69 13.55
N LYS A 98 -8.75 23.97 13.51
CA LYS A 98 -9.74 23.03 14.04
C LYS A 98 -10.11 21.97 13.02
N VAL A 99 -10.38 22.38 11.77
CA VAL A 99 -10.94 21.47 10.78
C VAL A 99 -9.89 20.85 9.86
N THR A 100 -8.68 21.42 9.79
CA THR A 100 -7.70 20.94 8.83
C THR A 100 -7.36 19.46 9.01
N PRO A 101 -7.20 18.93 10.23
CA PRO A 101 -7.04 17.48 10.35
C PRO A 101 -8.18 16.69 9.71
N ALA A 102 -9.41 17.20 9.81
CA ALA A 102 -10.55 16.53 9.18
C ALA A 102 -10.50 16.68 7.67
N VAL A 103 -9.98 17.81 7.17
CA VAL A 103 -9.85 17.99 5.73
C VAL A 103 -8.88 16.97 5.15
N PHE A 104 -7.67 16.89 5.71
CA PHE A 104 -6.69 15.92 5.24
C PHE A 104 -7.26 14.51 5.26
N ASN A 105 -7.83 14.11 6.40
CA ASN A 105 -8.35 12.75 6.52
C ASN A 105 -9.46 12.50 5.50
N ALA A 106 -10.33 13.48 5.29
CA ALA A 106 -11.37 13.34 4.27
C ALA A 106 -10.76 13.03 2.91
N ILE A 107 -9.64 13.68 2.57
CA ILE A 107 -9.05 13.54 1.25
C ILE A 107 -8.27 12.23 1.15
N HIS A 108 -7.52 11.86 2.19
CA HIS A 108 -6.56 10.78 2.11
C HIS A 108 -7.04 9.48 2.75
N LYS A 109 -8.23 9.48 3.37
CA LYS A 109 -8.79 8.28 3.97
C LYS A 109 -10.27 8.05 3.65
N GLU A 110 -11.09 9.08 3.49
CA GLU A 110 -12.53 8.93 3.28
C GLU A 110 -12.91 9.01 1.81
N LYS A 111 -11.93 9.03 0.90
CA LYS A 111 -12.19 9.12 -0.53
C LYS A 111 -13.07 10.33 -0.86
N ASN A 112 -12.94 11.40 -0.08
CA ASN A 112 -13.66 12.66 -0.33
C ASN A 112 -12.62 13.74 -0.58
N TYR A 113 -12.36 14.02 -1.86
CA TYR A 113 -11.26 14.89 -2.24
C TYR A 113 -11.59 16.37 -2.18
N LEU A 114 -12.85 16.72 -1.92
CA LEU A 114 -13.23 18.11 -1.64
C LEU A 114 -12.80 19.03 -2.79
N LEU A 115 -13.24 18.70 -4.00
CA LEU A 115 -12.81 19.40 -5.19
C LEU A 115 -13.79 20.49 -5.63
N THR A 116 -14.94 20.61 -4.99
CA THR A 116 -15.91 21.63 -5.33
C THR A 116 -16.32 22.38 -4.06
N PRO A 117 -16.71 23.66 -4.19
CA PRO A 117 -17.17 24.39 -3.00
C PRO A 117 -18.36 23.74 -2.31
N GLN A 118 -19.25 23.12 -3.08
CA GLN A 118 -20.41 22.48 -2.46
C GLN A 118 -20.00 21.27 -1.62
N ALA A 119 -19.15 20.41 -2.18
CA ALA A 119 -18.67 19.26 -1.42
C ALA A 119 -17.93 19.70 -0.16
N GLN A 120 -17.20 20.80 -0.24
CA GLN A 120 -16.51 21.33 0.93
C GLN A 120 -17.49 21.87 1.95
N ALA A 121 -18.43 22.71 1.51
CA ALA A 121 -19.45 23.21 2.42
C ALA A 121 -20.24 22.07 3.05
N ASP A 122 -20.48 21.00 2.29
CA ASP A 122 -21.17 19.84 2.84
C ASP A 122 -20.34 19.16 3.91
N PHE A 123 -19.06 18.92 3.61
CA PHE A 123 -18.19 18.25 4.58
C PHE A 123 -17.99 19.11 5.82
N LEU A 124 -17.63 20.38 5.63
CA LEU A 124 -17.31 21.24 6.76
C LEU A 124 -18.51 21.48 7.67
N ALA A 125 -19.72 21.32 7.16
CA ALA A 125 -20.91 21.47 8.00
C ALA A 125 -21.02 20.33 9.00
N THR A 126 -20.50 19.15 8.66
CA THR A 126 -20.40 18.08 9.64
C THR A 126 -19.37 18.39 10.72
N GLN A 127 -18.43 19.29 10.43
CA GLN A 127 -17.42 19.72 11.39
C GLN A 127 -17.83 20.97 12.15
N GLY A 128 -19.09 21.41 12.01
CA GLY A 128 -19.59 22.54 12.75
C GLY A 128 -19.42 23.89 12.08
N VAL A 129 -19.20 23.92 10.77
CA VAL A 129 -18.99 25.17 10.02
C VAL A 129 -20.26 25.48 9.25
N ASP A 130 -20.76 26.70 9.41
CA ASP A 130 -21.99 27.11 8.73
C ASP A 130 -21.74 27.24 7.23
N LYS A 131 -22.57 26.53 6.44
CA LYS A 131 -22.39 26.52 5.00
C LYS A 131 -22.43 27.93 4.43
N LYS A 132 -23.43 28.72 4.82
CA LYS A 132 -23.56 30.08 4.29
C LYS A 132 -22.27 30.87 4.49
N LYS A 133 -21.71 30.82 5.69
CA LYS A 133 -20.52 31.61 5.99
C LYS A 133 -19.29 31.09 5.26
N PHE A 134 -19.20 29.77 5.05
CA PHE A 134 -18.05 29.24 4.33
C PHE A 134 -18.08 29.64 2.86
N LEU A 135 -19.22 29.44 2.20
CA LEU A 135 -19.30 29.75 0.77
C LEU A 135 -19.07 31.23 0.50
N ASP A 136 -19.51 32.11 1.41
CA ASP A 136 -19.24 33.54 1.23
C ASP A 136 -17.75 33.80 1.18
N ALA A 137 -16.99 33.25 2.13
CA ALA A 137 -15.54 33.41 2.11
C ALA A 137 -14.95 32.76 0.86
N TYR A 138 -15.45 31.58 0.49
CA TYR A 138 -14.94 30.88 -0.68
C TYR A 138 -15.04 31.75 -1.93
N ASN A 139 -16.16 32.45 -2.09
CA ASN A 139 -16.43 33.25 -3.28
C ASN A 139 -16.05 34.72 -3.10
N SER A 140 -15.58 35.11 -1.92
CA SER A 140 -15.24 36.49 -1.67
C SER A 140 -14.06 36.93 -2.52
N PHE A 141 -13.98 38.24 -2.79
CA PHE A 141 -12.85 38.78 -3.53
C PHE A 141 -11.56 38.69 -2.73
N SER A 142 -11.65 38.75 -1.40
CA SER A 142 -10.46 38.68 -0.57
C SER A 142 -9.79 37.31 -0.69
N VAL A 143 -10.58 36.24 -0.71
CA VAL A 143 -10.02 34.91 -0.89
C VAL A 143 -9.54 34.73 -2.33
N GLN A 144 -10.28 35.27 -3.29
CA GLN A 144 -9.82 35.26 -4.68
C GLN A 144 -8.45 35.91 -4.80
N GLY A 145 -8.24 37.03 -4.10
CA GLY A 145 -6.96 37.71 -4.18
C GLY A 145 -5.85 36.93 -3.51
N GLN A 146 -6.15 36.26 -2.41
CA GLN A 146 -5.15 35.43 -1.73
C GLN A 146 -4.74 34.24 -2.60
N VAL A 147 -5.71 33.65 -3.31
CA VAL A 147 -5.40 32.55 -4.22
C VAL A 147 -4.49 33.03 -5.34
N LYS A 148 -4.87 34.14 -6.00
CA LYS A 148 -4.04 34.66 -7.07
C LYS A 148 -2.64 35.02 -6.57
N GLN A 149 -2.53 35.50 -5.34
CA GLN A 149 -1.22 35.84 -4.79
C GLN A 149 -0.41 34.59 -4.51
N SER A 150 -1.06 33.51 -4.05
CA SER A 150 -0.35 32.28 -3.78
C SER A 150 0.22 31.69 -5.07
N ALA A 151 -0.51 31.79 -6.17
CA ALA A 151 0.03 31.36 -7.45
C ALA A 151 1.20 32.22 -7.89
N GLU A 152 1.18 33.52 -7.55
CA GLU A 152 2.31 34.38 -7.88
C GLU A 152 3.51 34.06 -7.02
N LEU A 153 3.29 33.69 -5.76
CA LEU A 153 4.40 33.27 -4.90
C LEU A 153 5.02 31.98 -5.42
N LEU A 154 4.20 31.08 -5.99
CA LEU A 154 4.73 29.85 -6.56
C LEU A 154 5.81 30.14 -7.59
N LYS A 155 5.59 31.16 -8.43
CA LYS A 155 6.59 31.54 -9.42
C LYS A 155 7.75 32.30 -8.79
N ASN A 156 7.47 33.23 -7.88
CA ASN A 156 8.54 34.02 -7.27
C ASN A 156 9.52 33.12 -6.53
N TYR A 157 9.02 32.09 -5.83
CA TYR A 157 9.87 31.14 -5.14
C TYR A 157 10.28 29.96 -5.99
N ASN A 158 9.89 29.94 -7.28
CA ASN A 158 10.25 28.87 -8.21
C ASN A 158 9.95 27.49 -7.62
N ILE A 159 8.73 27.34 -7.10
CA ILE A 159 8.30 26.11 -6.47
C ILE A 159 7.83 25.14 -7.56
N ASP A 160 8.46 23.96 -7.61
CA ASP A 160 8.09 22.93 -8.56
C ASP A 160 7.39 21.73 -7.92
N GLY A 161 7.40 21.62 -6.59
CA GLY A 161 6.75 20.51 -5.92
C GLY A 161 6.49 20.83 -4.48
N VAL A 162 5.75 19.93 -3.83
CA VAL A 162 5.38 20.12 -2.42
C VAL A 162 5.65 18.82 -1.68
N PRO A 163 5.89 18.91 -0.36
CA PRO A 163 5.99 20.15 0.40
C PRO A 163 7.38 20.78 0.29
N THR A 164 7.43 22.07 -0.04
CA THR A 164 8.67 22.82 -0.09
C THR A 164 8.69 23.80 1.07
N ILE A 165 9.81 23.86 1.77
CA ILE A 165 9.99 24.78 2.90
C ILE A 165 11.05 25.80 2.51
N VAL A 166 10.75 27.08 2.75
CA VAL A 166 11.66 28.18 2.44
C VAL A 166 12.00 28.89 3.74
N VAL A 167 13.29 29.05 4.00
CA VAL A 167 13.78 29.69 5.22
C VAL A 167 14.28 31.08 4.85
N GLN A 168 13.73 32.09 5.53
CA GLN A 168 14.16 33.49 5.35
C GLN A 168 14.21 33.88 3.87
N GLY A 169 13.34 33.29 3.07
CA GLY A 169 13.23 33.63 1.66
C GLY A 169 14.52 33.47 0.89
N LYS A 170 15.40 32.55 1.29
CA LYS A 170 16.67 32.36 0.60
C LYS A 170 16.98 30.89 0.32
N TYR A 171 16.51 29.99 1.18
CA TYR A 171 16.91 28.60 1.13
C TYR A 171 15.68 27.70 1.08
N LYS A 172 15.65 26.81 0.09
CA LYS A 172 14.56 25.86 -0.10
C LYS A 172 15.02 24.46 0.26
N THR A 173 14.12 23.69 0.87
CA THR A 173 14.38 22.29 1.16
C THR A 173 13.07 21.52 1.10
N GLY A 174 13.16 20.21 1.25
CA GLY A 174 12.01 19.34 1.18
C GLY A 174 12.40 17.94 0.75
N PRO A 175 11.42 17.04 0.71
CA PRO A 175 11.74 15.65 0.32
C PRO A 175 12.36 15.54 -1.06
N ALA A 176 12.07 16.48 -1.96
CA ALA A 176 12.71 16.45 -3.28
C ALA A 176 14.22 16.52 -3.16
N TYR A 177 14.73 17.22 -2.13
CA TYR A 177 16.16 17.33 -1.90
C TYR A 177 16.67 16.24 -0.97
N THR A 178 15.97 16.02 0.14
CA THR A 178 16.45 15.13 1.19
C THR A 178 16.00 13.69 1.02
N ASN A 179 14.94 13.45 0.25
CA ASN A 179 14.41 12.11 0.00
C ASN A 179 13.79 11.48 1.25
N SER A 180 13.48 12.30 2.26
CA SER A 180 12.79 11.82 3.45
C SER A 180 12.19 13.02 4.16
N LEU A 181 11.03 12.79 4.80
CA LEU A 181 10.42 13.85 5.60
C LEU A 181 11.28 14.18 6.82
N GLU A 182 11.81 13.16 7.49
CA GLU A 182 12.70 13.39 8.62
C GLU A 182 13.92 14.19 8.18
N GLY A 183 14.51 13.84 7.04
CA GLY A 183 15.62 14.62 6.53
C GLY A 183 15.24 16.05 6.21
N THR A 184 14.00 16.26 5.76
CA THR A 184 13.52 17.63 5.53
C THR A 184 13.46 18.39 6.85
N ALA A 185 12.95 17.75 7.91
CA ALA A 185 12.88 18.42 9.20
C ALA A 185 14.28 18.75 9.73
N GLN A 186 15.22 17.81 9.59
CA GLN A 186 16.59 18.06 10.05
C GLN A 186 17.21 19.23 9.30
N VAL A 187 17.02 19.28 7.98
CA VAL A 187 17.57 20.37 7.18
C VAL A 187 16.94 21.70 7.60
N LEU A 188 15.61 21.73 7.71
CA LEU A 188 14.92 22.94 8.14
C LEU A 188 15.46 23.43 9.47
N ASP A 189 15.61 22.53 10.45
CA ASP A 189 16.16 22.91 11.75
C ASP A 189 17.57 23.47 11.60
N PHE A 190 18.38 22.86 10.74
CA PHE A 190 19.74 23.32 10.52
C PHE A 190 19.76 24.73 9.93
N LEU A 191 18.94 24.96 8.90
CA LEU A 191 18.94 26.26 8.22
C LEU A 191 18.53 27.37 9.18
N VAL A 192 17.45 27.16 9.93
CA VAL A 192 16.98 28.19 10.85
C VAL A 192 18.06 28.55 11.86
N LYS A 193 18.77 27.54 12.37
CA LYS A 193 19.84 27.82 13.33
C LYS A 193 20.99 28.58 12.67
N GLN A 194 21.36 28.19 11.45
CA GLN A 194 22.42 28.92 10.74
C GLN A 194 22.02 30.37 10.49
N VAL A 195 20.74 30.61 10.19
CA VAL A 195 20.26 31.98 10.04
C VAL A 195 20.44 32.74 11.36
N GLN A 196 20.01 32.13 12.47
CA GLN A 196 20.07 32.79 13.76
C GLN A 196 21.51 33.10 14.16
N ASP A 197 22.46 32.29 13.73
CA ASP A 197 23.87 32.51 14.03
C ASP A 197 24.58 33.31 12.95
N LYS A 198 23.83 33.95 12.04
CA LYS A 198 24.39 34.82 11.02
C LYS A 198 25.38 34.09 10.11
N LYS A 199 25.19 32.78 9.96
CA LYS A 199 26.01 32.00 9.04
C LYS A 199 25.31 31.76 7.71
N LEU A 200 24.00 31.97 7.64
CA LEU A 200 23.25 31.89 6.40
C LEU A 200 22.29 33.06 6.30
N SER B 12 28.65 12.07 -21.92
CA SER B 12 27.21 12.29 -21.92
C SER B 12 26.46 10.95 -21.92
N ALA B 13 27.20 9.85 -21.89
CA ALA B 13 26.56 8.54 -21.83
C ALA B 13 25.97 8.32 -20.44
N PRO B 14 24.83 7.62 -20.36
CA PRO B 14 24.22 7.38 -19.03
C PRO B 14 25.21 6.70 -18.10
N VAL B 15 25.14 7.07 -16.83
CA VAL B 15 26.04 6.57 -15.79
C VAL B 15 25.24 5.67 -14.87
N ALA B 16 25.75 4.46 -14.63
CA ALA B 16 25.12 3.57 -13.65
C ALA B 16 25.17 4.20 -12.27
N GLY B 17 24.06 4.07 -11.53
CA GLY B 17 23.95 4.59 -10.19
C GLY B 17 23.30 5.96 -10.09
N LYS B 18 23.18 6.69 -11.21
CA LYS B 18 22.53 7.98 -11.19
C LYS B 18 21.49 8.10 -12.30
N ASP B 19 21.89 7.86 -13.55
CA ASP B 19 20.95 7.93 -14.66
C ASP B 19 20.11 6.67 -14.77
N PHE B 20 20.56 5.55 -14.23
CA PHE B 20 19.79 4.33 -14.18
C PHE B 20 20.36 3.45 -13.08
N GLU B 21 19.50 2.65 -12.47
CA GLU B 21 19.86 1.81 -11.33
C GLU B 21 19.97 0.36 -11.77
N VAL B 22 21.09 -0.28 -11.43
CA VAL B 22 21.26 -1.71 -11.66
C VAL B 22 20.62 -2.46 -10.51
N MET B 23 19.56 -3.21 -10.81
CA MET B 23 18.84 -3.92 -9.77
C MET B 23 19.74 -4.95 -9.09
N LYS B 24 19.72 -4.96 -7.76
CA LYS B 24 20.49 -5.96 -7.01
C LYS B 24 19.94 -7.36 -7.24
N SER B 25 18.63 -7.49 -7.36
CA SER B 25 17.96 -8.78 -7.58
C SER B 25 17.17 -8.69 -8.88
N PRO B 26 17.79 -8.97 -10.02
CA PRO B 26 17.04 -8.92 -11.29
C PRO B 26 15.89 -9.91 -11.33
N GLN B 27 14.93 -9.61 -12.17
CA GLN B 27 13.70 -10.37 -12.26
C GLN B 27 13.69 -11.26 -13.49
N PRO B 28 12.90 -12.34 -13.47
CA PRO B 28 12.76 -13.17 -14.68
C PRO B 28 12.26 -12.34 -15.84
N VAL B 29 12.75 -12.66 -17.04
CA VAL B 29 12.41 -11.95 -18.26
C VAL B 29 11.50 -12.84 -19.09
N SER B 30 10.34 -12.29 -19.48
CA SER B 30 9.39 -13.01 -20.31
C SER B 30 9.66 -12.86 -21.80
N ALA B 31 10.40 -11.82 -22.21
CA ALA B 31 10.57 -11.56 -23.62
C ALA B 31 11.28 -12.75 -24.29
N PRO B 32 10.91 -13.07 -25.53
CA PRO B 32 11.64 -14.13 -26.24
C PRO B 32 13.06 -13.69 -26.57
N ALA B 33 13.93 -14.68 -26.77
CA ALA B 33 15.32 -14.38 -27.11
C ALA B 33 15.38 -13.53 -28.37
N GLY B 34 16.30 -12.56 -28.36
CA GLY B 34 16.39 -11.60 -29.43
C GLY B 34 15.56 -10.36 -29.25
N LYS B 35 14.67 -10.34 -28.25
CA LYS B 35 13.84 -9.18 -27.94
C LYS B 35 14.17 -8.69 -26.54
N VAL B 36 14.55 -7.42 -26.43
CA VAL B 36 14.76 -6.82 -25.13
C VAL B 36 13.42 -6.56 -24.47
N GLU B 37 13.31 -6.88 -23.19
CA GLU B 37 12.09 -6.62 -22.43
C GLU B 37 12.13 -5.19 -21.89
N VAL B 38 11.01 -4.49 -22.03
CA VAL B 38 10.86 -3.14 -21.53
C VAL B 38 9.52 -3.06 -20.81
N ILE B 39 9.56 -2.66 -19.55
CA ILE B 39 8.37 -2.58 -18.70
C ILE B 39 8.23 -1.15 -18.23
N GLU B 40 7.08 -0.54 -18.50
CA GLU B 40 6.75 0.77 -17.97
C GLU B 40 5.74 0.59 -16.84
N PHE B 41 6.21 0.72 -15.60
CA PHE B 41 5.30 0.90 -14.47
C PHE B 41 4.74 2.32 -14.53
N PHE B 42 3.42 2.43 -14.61
CA PHE B 42 2.79 3.73 -14.82
C PHE B 42 1.49 3.79 -14.03
N TRP B 43 0.85 4.95 -14.09
CA TRP B 43 -0.41 5.17 -13.41
C TRP B 43 -1.22 6.17 -14.23
N TYR B 44 -2.46 5.81 -14.55
CA TYR B 44 -3.33 6.70 -15.31
C TYR B 44 -3.35 8.10 -14.72
N GLY B 45 -3.33 8.20 -13.40
CA GLY B 45 -3.44 9.48 -12.73
C GLY B 45 -2.15 10.26 -12.62
N CYS B 46 -1.02 9.67 -13.00
CA CYS B 46 0.25 10.38 -12.91
C CYS B 46 0.42 11.32 -14.10
N PRO B 47 0.48 12.63 -13.88
CA PRO B 47 0.69 13.54 -15.02
C PRO B 47 2.03 13.34 -15.71
N HIS B 48 3.06 12.91 -14.96
CA HIS B 48 4.36 12.64 -15.57
C HIS B 48 4.26 11.48 -16.56
N ALA B 49 3.55 10.42 -16.19
CA ALA B 49 3.30 9.33 -17.12
C ALA B 49 2.39 9.76 -18.26
N TYR B 50 1.44 10.66 -17.97
CA TYR B 50 0.58 11.19 -19.02
C TYR B 50 1.40 11.95 -20.07
N GLU B 51 2.27 12.85 -19.64
CA GLU B 51 3.11 13.57 -20.59
C GLU B 51 4.05 12.63 -21.33
N PHE B 52 4.43 11.51 -20.71
CA PHE B 52 5.37 10.58 -21.30
C PHE B 52 4.75 9.68 -22.36
N GLU B 53 3.42 9.54 -22.35
CA GLU B 53 2.71 8.61 -23.24
C GLU B 53 3.15 8.73 -24.69
N PRO B 54 3.07 9.92 -25.30
CA PRO B 54 3.45 10.01 -26.73
C PRO B 54 4.91 9.69 -26.98
N THR B 55 5.81 10.13 -26.09
CA THR B 55 7.22 9.84 -26.27
C THR B 55 7.49 8.33 -26.22
N ILE B 56 6.90 7.65 -25.23
CA ILE B 56 7.16 6.23 -25.06
C ILE B 56 6.49 5.42 -26.15
N GLU B 57 5.30 5.84 -26.59
CA GLU B 57 4.60 5.12 -27.65
C GLU B 57 5.39 5.15 -28.95
N ALA B 58 5.76 6.35 -29.41
CA ALA B 58 6.53 6.47 -30.64
C ALA B 58 7.80 5.64 -30.59
N TRP B 59 8.50 5.70 -29.45
CA TRP B 59 9.75 4.93 -29.31
C TRP B 59 9.49 3.44 -29.37
N VAL B 60 8.44 2.97 -28.69
CA VAL B 60 8.11 1.55 -28.71
C VAL B 60 7.85 1.09 -30.15
N LYS B 61 7.02 1.84 -30.87
CA LYS B 61 6.74 1.49 -32.26
C LYS B 61 8.01 1.47 -33.10
N LYS B 62 8.94 2.40 -32.83
CA LYS B 62 10.16 2.49 -33.61
C LYS B 62 10.99 1.22 -33.47
N GLN B 63 11.15 0.73 -32.24
CA GLN B 63 11.93 -0.48 -32.03
C GLN B 63 11.28 -1.69 -32.70
N GLY B 64 9.95 -1.74 -32.71
CA GLY B 64 9.25 -2.79 -33.43
C GLY B 64 9.57 -4.16 -32.86
N ASP B 65 10.01 -5.07 -33.74
CA ASP B 65 10.31 -6.44 -33.35
C ASP B 65 11.49 -6.54 -32.40
N LYS B 66 12.24 -5.48 -32.18
CA LYS B 66 13.45 -5.56 -31.36
C LYS B 66 13.15 -5.63 -29.87
N ILE B 67 11.95 -5.24 -29.43
CA ILE B 67 11.63 -5.21 -28.01
C ILE B 67 10.30 -5.92 -27.77
N ALA B 68 10.11 -6.33 -26.52
CA ALA B 68 8.83 -6.84 -26.02
C ALA B 68 8.38 -5.88 -24.92
N PHE B 69 7.56 -4.90 -25.29
CA PHE B 69 7.15 -3.85 -24.37
C PHE B 69 5.81 -4.19 -23.73
N LYS B 70 5.70 -3.89 -22.43
CA LYS B 70 4.44 -4.01 -21.74
C LYS B 70 4.35 -2.92 -20.68
N ARG B 71 3.13 -2.69 -20.21
CA ARG B 71 2.87 -1.74 -19.15
C ARG B 71 2.34 -2.48 -17.93
N VAL B 72 2.57 -1.88 -16.75
CA VAL B 72 2.07 -2.42 -15.49
C VAL B 72 1.48 -1.27 -14.71
N PRO B 73 0.18 -1.29 -14.41
CA PRO B 73 -0.41 -0.18 -13.66
C PRO B 73 0.04 -0.19 -12.21
N VAL B 74 0.10 0.99 -11.61
CA VAL B 74 0.54 1.16 -10.24
C VAL B 74 -0.58 1.81 -9.45
N ALA B 75 -0.89 1.24 -8.29
CA ALA B 75 -1.90 1.78 -7.38
C ALA B 75 -1.21 1.99 -6.04
N PHE B 76 -0.77 3.23 -5.78
CA PHE B 76 -0.08 3.54 -4.54
C PHE B 76 -1.01 3.50 -3.33
N ARG B 77 -2.31 3.70 -3.53
CA ARG B 77 -3.30 3.55 -2.49
C ARG B 77 -4.49 2.81 -3.07
N ASP B 78 -5.37 2.34 -2.17
CA ASP B 78 -6.52 1.58 -2.63
C ASP B 78 -7.51 2.45 -3.41
N ASP B 79 -7.40 3.77 -3.30
CA ASP B 79 -8.25 4.65 -4.11
CA ASP B 79 -8.25 4.65 -4.11
C ASP B 79 -8.06 4.39 -5.61
N PHE B 80 -6.87 3.92 -5.99
CA PHE B 80 -6.50 3.82 -7.40
C PHE B 80 -6.45 2.38 -7.92
N VAL B 81 -6.79 1.40 -7.10
CA VAL B 81 -6.89 0.02 -7.56
C VAL B 81 -7.89 -0.04 -8.72
N PRO B 82 -8.98 0.74 -8.69
CA PRO B 82 -9.85 0.79 -9.87
C PRO B 82 -9.12 1.17 -11.14
N HIS B 83 -8.02 1.92 -11.04
CA HIS B 83 -7.23 2.25 -12.22
C HIS B 83 -6.41 1.06 -12.71
N SER B 84 -5.94 0.21 -11.78
CA SER B 84 -5.32 -1.04 -12.20
C SER B 84 -6.35 -1.99 -12.79
N LYS B 85 -7.52 -2.10 -12.16
CA LYS B 85 -8.60 -2.90 -12.74
C LYS B 85 -9.01 -2.36 -14.10
N LEU B 86 -9.06 -1.03 -14.24
CA LEU B 86 -9.39 -0.43 -15.52
C LEU B 86 -8.40 -0.86 -16.59
N PHE B 87 -7.10 -0.70 -16.31
CA PHE B 87 -6.07 -1.04 -17.29
C PHE B 87 -6.26 -2.46 -17.84
N TYR B 88 -6.44 -3.44 -16.95
CA TYR B 88 -6.52 -4.83 -17.40
C TYR B 88 -7.88 -5.15 -18.00
N ALA B 89 -8.94 -4.46 -17.59
CA ALA B 89 -10.24 -4.65 -18.22
C ALA B 89 -10.20 -4.22 -19.68
N LEU B 90 -9.66 -3.02 -19.94
CA LEU B 90 -9.53 -2.56 -21.32
C LEU B 90 -8.79 -3.58 -22.18
N ALA B 91 -7.67 -4.10 -21.66
CA ALA B 91 -6.92 -5.11 -22.40
C ALA B 91 -7.72 -6.38 -22.57
N ALA B 92 -8.44 -6.80 -21.52
CA ALA B 92 -9.25 -8.01 -21.62
C ALA B 92 -10.30 -7.89 -22.72
N LEU B 93 -10.78 -6.67 -22.98
CA LEU B 93 -11.69 -6.43 -24.09
C LEU B 93 -10.97 -6.15 -25.40
N GLY B 94 -9.66 -5.92 -25.37
CA GLY B 94 -8.92 -5.62 -26.57
C GLY B 94 -9.19 -4.25 -27.15
N VAL B 95 -9.55 -3.28 -26.31
CA VAL B 95 -9.82 -1.92 -26.75
C VAL B 95 -8.83 -0.94 -26.17
N SER B 96 -7.72 -1.42 -25.61
CA SER B 96 -6.80 -0.55 -24.89
C SER B 96 -6.26 0.56 -25.78
N GLU B 97 -5.75 0.20 -26.97
CA GLU B 97 -5.07 1.20 -27.79
C GLU B 97 -6.02 2.29 -28.27
N LYS B 98 -7.30 1.97 -28.46
CA LYS B 98 -8.23 2.93 -29.05
C LYS B 98 -8.88 3.85 -28.02
N VAL B 99 -9.00 3.43 -26.77
CA VAL B 99 -9.66 4.25 -25.75
C VAL B 99 -8.69 4.86 -24.75
N THR B 100 -7.46 4.36 -24.63
CA THR B 100 -6.56 4.86 -23.60
C THR B 100 -6.29 6.35 -23.73
N PRO B 101 -6.02 6.91 -24.91
CA PRO B 101 -5.89 8.37 -25.01
C PRO B 101 -7.10 9.11 -24.46
N ALA B 102 -8.30 8.55 -24.63
CA ALA B 102 -9.49 9.17 -24.06
C ALA B 102 -9.52 9.01 -22.54
N VAL B 103 -8.97 7.93 -22.02
CA VAL B 103 -8.90 7.74 -20.58
C VAL B 103 -8.00 8.80 -19.95
N PHE B 104 -6.76 8.90 -20.43
CA PHE B 104 -5.84 9.93 -19.94
C PHE B 104 -6.47 11.31 -20.01
N ASN B 105 -7.09 11.62 -21.15
CA ASN B 105 -7.66 12.95 -21.32
C ASN B 105 -8.81 13.20 -20.35
N ALA B 106 -9.60 12.16 -20.06
CA ALA B 106 -10.70 12.31 -19.10
C ALA B 106 -10.18 12.68 -17.72
N ILE B 107 -9.00 12.18 -17.35
CA ILE B 107 -8.49 12.37 -16.01
C ILE B 107 -7.75 13.69 -15.86
N HIS B 108 -6.96 14.08 -16.86
CA HIS B 108 -6.05 15.22 -16.73
C HIS B 108 -6.59 16.50 -17.35
N LYS B 109 -7.70 16.44 -18.10
CA LYS B 109 -8.27 17.63 -18.73
C LYS B 109 -9.77 17.82 -18.50
N GLU B 110 -10.51 16.77 -18.16
CA GLU B 110 -11.96 16.83 -18.07
C GLU B 110 -12.47 16.68 -16.65
N LYS B 111 -11.59 16.66 -15.65
CA LYS B 111 -11.98 16.50 -14.26
C LYS B 111 -12.82 15.24 -14.05
N ASN B 112 -12.53 14.19 -14.82
CA ASN B 112 -13.20 12.90 -14.69
C ASN B 112 -12.11 11.88 -14.36
N TYR B 113 -11.92 11.63 -13.07
CA TYR B 113 -10.79 10.84 -12.60
C TYR B 113 -11.04 9.33 -12.65
N LEU B 114 -12.21 8.90 -13.11
CA LEU B 114 -12.48 7.49 -13.38
C LEU B 114 -12.06 6.61 -12.20
N LEU B 115 -12.50 6.98 -11.01
CA LEU B 115 -12.09 6.29 -9.79
C LEU B 115 -13.06 5.19 -9.37
N THR B 116 -14.14 4.97 -10.12
CA THR B 116 -15.07 3.91 -9.82
C THR B 116 -15.42 3.16 -11.10
N PRO B 117 -15.78 1.87 -10.99
CA PRO B 117 -16.21 1.14 -12.19
C PRO B 117 -17.45 1.75 -12.84
N GLN B 118 -18.36 2.30 -12.04
CA GLN B 118 -19.54 2.95 -12.60
C GLN B 118 -19.14 4.16 -13.45
N ALA B 119 -18.24 4.99 -12.93
CA ALA B 119 -17.78 6.16 -13.68
C ALA B 119 -16.99 5.73 -14.91
N GLN B 120 -16.20 4.67 -14.80
CA GLN B 120 -15.48 4.15 -15.95
C GLN B 120 -16.43 3.63 -17.01
N ALA B 121 -17.40 2.79 -16.59
CA ALA B 121 -18.37 2.26 -17.53
C ALA B 121 -19.17 3.38 -18.20
N ASP B 122 -19.56 4.38 -17.42
CA ASP B 122 -20.27 5.53 -18.00
C ASP B 122 -19.40 6.21 -19.05
N PHE B 123 -18.15 6.51 -18.72
CA PHE B 123 -17.26 7.19 -19.66
C PHE B 123 -16.96 6.30 -20.86
N LEU B 124 -16.61 5.03 -20.61
CA LEU B 124 -16.24 4.14 -21.70
C LEU B 124 -17.40 3.85 -22.64
N ALA B 125 -18.64 3.98 -22.17
CA ALA B 125 -19.78 3.81 -23.07
C ALA B 125 -19.85 4.93 -24.09
N THR B 126 -19.38 6.14 -23.73
CA THR B 126 -19.30 7.22 -24.70
C THR B 126 -18.24 6.95 -25.76
N GLN B 127 -17.37 5.95 -25.56
CA GLN B 127 -16.32 5.62 -26.50
C GLN B 127 -16.63 4.37 -27.31
N GLY B 128 -17.84 3.84 -27.21
CA GLY B 128 -18.24 2.66 -27.96
C GLY B 128 -18.11 1.36 -27.22
N VAL B 129 -17.68 1.36 -25.96
CA VAL B 129 -17.48 0.15 -25.20
C VAL B 129 -18.78 -0.23 -24.50
N ASP B 130 -19.18 -1.49 -24.62
CA ASP B 130 -20.40 -1.97 -23.97
C ASP B 130 -20.19 -2.03 -22.46
N LYS B 131 -21.12 -1.45 -21.70
CA LYS B 131 -20.99 -1.41 -20.25
C LYS B 131 -20.94 -2.82 -19.66
N LYS B 132 -21.85 -3.68 -20.10
CA LYS B 132 -21.90 -5.04 -19.57
C LYS B 132 -20.56 -5.74 -19.71
N LYS B 133 -20.01 -5.76 -20.94
CA LYS B 133 -18.74 -6.43 -21.16
C LYS B 133 -17.63 -5.83 -20.30
N PHE B 134 -17.64 -4.52 -20.11
CA PHE B 134 -16.57 -3.88 -19.35
C PHE B 134 -16.63 -4.25 -17.88
N LEU B 135 -17.82 -4.16 -17.28
CA LEU B 135 -17.92 -4.45 -15.84
C LEU B 135 -17.73 -5.93 -15.56
N ASP B 136 -18.21 -6.80 -16.46
CA ASP B 136 -17.94 -8.22 -16.31
C ASP B 136 -16.45 -8.50 -16.31
N ALA B 137 -15.69 -7.81 -17.18
CA ALA B 137 -14.25 -7.93 -17.15
C ALA B 137 -13.67 -7.24 -15.93
N TYR B 138 -14.29 -6.14 -15.48
CA TYR B 138 -13.79 -5.42 -14.32
C TYR B 138 -13.89 -6.27 -13.06
N ASN B 139 -14.99 -7.02 -12.90
CA ASN B 139 -15.21 -7.85 -11.73
C ASN B 139 -14.78 -9.29 -11.94
N SER B 140 -14.13 -9.60 -13.06
CA SER B 140 -13.74 -10.97 -13.34
C SER B 140 -12.55 -11.39 -12.46
N PHE B 141 -12.41 -12.70 -12.30
CA PHE B 141 -11.29 -13.24 -11.53
C PHE B 141 -9.97 -13.08 -12.29
N SER B 142 -10.02 -13.13 -13.62
CA SER B 142 -8.80 -12.95 -14.41
C SER B 142 -8.21 -11.56 -14.18
N VAL B 143 -9.05 -10.53 -14.23
CA VAL B 143 -8.57 -9.17 -14.01
C VAL B 143 -8.16 -8.97 -12.56
N GLN B 144 -8.90 -9.57 -11.62
CA GLN B 144 -8.50 -9.50 -10.22
C GLN B 144 -7.15 -10.17 -9.99
N GLY B 145 -6.89 -11.25 -10.73
CA GLY B 145 -5.58 -11.88 -10.63
C GLY B 145 -4.47 -11.00 -11.16
N GLN B 146 -4.70 -10.35 -12.30
CA GLN B 146 -3.69 -9.49 -12.90
C GLN B 146 -3.39 -8.29 -11.99
N VAL B 147 -4.41 -7.74 -11.35
CA VAL B 147 -4.20 -6.61 -10.45
C VAL B 147 -3.30 -7.01 -9.29
N LYS B 148 -3.63 -8.12 -8.62
CA LYS B 148 -2.79 -8.61 -7.53
C LYS B 148 -1.38 -8.87 -8.01
N GLN B 149 -1.23 -9.38 -9.24
CA GLN B 149 0.10 -9.65 -9.77
C GLN B 149 0.89 -8.37 -9.94
N SER B 150 0.25 -7.31 -10.45
CA SER B 150 0.94 -6.04 -10.61
C SER B 150 1.38 -5.48 -9.25
N ALA B 151 0.61 -5.73 -8.20
CA ALA B 151 0.98 -5.27 -6.87
C ALA B 151 2.25 -5.94 -6.37
N GLU B 152 2.49 -7.20 -6.76
CA GLU B 152 3.70 -7.89 -6.35
C GLU B 152 4.87 -7.65 -7.29
N LEU B 153 4.60 -7.27 -8.55
CA LEU B 153 5.67 -6.77 -9.41
C LEU B 153 6.16 -5.41 -8.92
N LEU B 154 5.26 -4.59 -8.37
CA LEU B 154 5.68 -3.36 -7.71
C LEU B 154 6.72 -3.66 -6.62
N LYS B 155 6.46 -4.69 -5.81
CA LYS B 155 7.42 -5.07 -4.78
C LYS B 155 8.67 -5.70 -5.39
N ASN B 156 8.48 -6.67 -6.29
CA ASN B 156 9.61 -7.40 -6.84
C ASN B 156 10.57 -6.49 -7.57
N TYR B 157 10.06 -5.55 -8.36
CA TYR B 157 10.90 -4.57 -9.04
C TYR B 157 11.26 -3.38 -8.17
N ASN B 158 10.86 -3.40 -6.89
CA ASN B 158 11.19 -2.32 -5.96
C ASN B 158 10.82 -0.96 -6.53
N ILE B 159 9.65 -0.90 -7.15
CA ILE B 159 9.16 0.34 -7.74
C ILE B 159 8.46 1.15 -6.66
N ASP B 160 8.82 2.43 -6.56
CA ASP B 160 8.17 3.36 -5.65
C ASP B 160 7.84 4.68 -6.32
N GLY B 161 7.90 4.75 -7.65
CA GLY B 161 7.57 5.96 -8.37
C GLY B 161 7.31 5.65 -9.82
N VAL B 162 6.46 6.46 -10.44
CA VAL B 162 6.13 6.28 -11.86
C VAL B 162 6.36 7.59 -12.59
N PRO B 163 6.65 7.57 -13.90
CA PRO B 163 6.86 6.33 -14.65
C PRO B 163 8.24 5.75 -14.39
N THR B 164 8.34 4.44 -14.23
CA THR B 164 9.63 3.76 -14.13
C THR B 164 9.74 2.75 -15.26
N ILE B 165 10.94 2.68 -15.84
CA ILE B 165 11.22 1.82 -16.98
C ILE B 165 12.26 0.80 -16.55
N VAL B 166 11.97 -0.48 -16.80
CA VAL B 166 12.86 -1.58 -16.46
C VAL B 166 13.20 -2.31 -17.74
N VAL B 167 14.50 -2.43 -18.02
CA VAL B 167 15.00 -3.07 -19.23
C VAL B 167 15.60 -4.42 -18.84
N GLN B 168 15.14 -5.47 -19.50
CA GLN B 168 15.64 -6.83 -19.28
C GLN B 168 15.64 -7.20 -17.81
N GLY B 169 14.70 -6.65 -17.04
CA GLY B 169 14.56 -7.00 -15.64
C GLY B 169 15.74 -6.64 -14.78
N LYS B 170 16.64 -5.79 -15.25
CA LYS B 170 17.88 -5.46 -14.56
C LYS B 170 18.04 -3.97 -14.29
N TYR B 171 17.72 -3.12 -15.26
CA TYR B 171 18.11 -1.72 -15.24
C TYR B 171 16.86 -0.86 -15.15
N LYS B 172 16.78 -0.04 -14.10
CA LYS B 172 15.66 0.83 -13.87
C LYS B 172 16.04 2.27 -14.23
N THR B 173 15.10 2.98 -14.86
CA THR B 173 15.30 4.39 -15.15
C THR B 173 13.94 5.07 -15.20
N GLY B 174 13.97 6.38 -15.40
CA GLY B 174 12.79 7.21 -15.36
C GLY B 174 13.14 8.61 -14.92
N PRO B 175 12.14 9.49 -14.83
CA PRO B 175 12.44 10.87 -14.42
C PRO B 175 12.97 10.98 -13.01
N ALA B 176 12.62 10.05 -12.12
CA ALA B 176 13.17 10.07 -10.77
C ALA B 176 14.69 10.00 -10.79
N TYR B 177 15.27 9.37 -11.82
CA TYR B 177 16.71 9.28 -11.99
C TYR B 177 17.26 10.39 -12.87
N THR B 178 16.60 10.64 -14.00
CA THR B 178 17.13 11.52 -15.03
C THR B 178 16.66 12.95 -14.89
N ASN B 179 15.50 13.17 -14.27
CA ASN B 179 14.93 14.49 -14.06
C ASN B 179 14.36 15.10 -15.34
N SER B 180 14.01 14.27 -16.32
CA SER B 180 13.37 14.75 -17.54
C SER B 180 12.87 13.54 -18.32
N LEU B 181 11.72 13.70 -18.97
CA LEU B 181 11.17 12.62 -19.79
C LEU B 181 12.06 12.36 -21.00
N GLU B 182 12.60 13.43 -21.60
CA GLU B 182 13.55 13.25 -22.71
C GLU B 182 14.77 12.46 -22.24
N GLY B 183 15.32 12.82 -21.08
CA GLY B 183 16.44 12.08 -20.53
C GLY B 183 16.10 10.63 -20.26
N THR B 184 14.88 10.37 -19.77
CA THR B 184 14.43 9.00 -19.59
C THR B 184 14.48 8.23 -20.91
N ALA B 185 13.90 8.82 -21.97
CA ALA B 185 13.91 8.16 -23.27
C ALA B 185 15.33 7.92 -23.76
N GLN B 186 16.24 8.87 -23.52
CA GLN B 186 17.61 8.69 -23.96
C GLN B 186 18.29 7.56 -23.20
N VAL B 187 18.11 7.50 -21.88
CA VAL B 187 18.63 6.38 -21.09
C VAL B 187 18.03 5.07 -21.59
N LEU B 188 16.69 5.00 -21.64
CA LEU B 188 16.01 3.81 -22.13
C LEU B 188 16.59 3.36 -23.46
N ASP B 189 16.72 4.29 -24.41
CA ASP B 189 17.25 3.95 -25.73
C ASP B 189 18.69 3.46 -25.63
N PHE B 190 19.46 3.97 -24.67
CA PHE B 190 20.82 3.51 -24.48
C PHE B 190 20.85 2.10 -23.88
N LEU B 191 20.06 1.87 -22.83
CA LEU B 191 20.07 0.57 -22.17
C LEU B 191 19.69 -0.54 -23.14
N VAL B 192 18.66 -0.33 -23.96
CA VAL B 192 18.22 -1.35 -24.90
C VAL B 192 19.33 -1.67 -25.91
N LYS B 193 20.03 -0.63 -26.38
CA LYS B 193 21.11 -0.85 -27.34
C LYS B 193 22.27 -1.60 -26.69
N GLN B 194 22.54 -1.33 -25.41
CA GLN B 194 23.62 -2.02 -24.73
C GLN B 194 23.26 -3.48 -24.44
N VAL B 195 21.98 -3.77 -24.20
CA VAL B 195 21.56 -5.15 -24.03
C VAL B 195 21.63 -5.90 -25.36
N GLN B 196 21.17 -5.27 -26.44
CA GLN B 196 21.24 -5.90 -27.75
C GLN B 196 22.67 -6.20 -28.16
N ASP B 197 23.62 -5.38 -27.73
CA ASP B 197 25.02 -5.62 -28.01
C ASP B 197 25.68 -6.54 -26.99
N LYS B 198 24.90 -7.08 -26.05
CA LYS B 198 25.40 -7.99 -25.02
C LYS B 198 26.43 -7.33 -24.12
N LYS B 199 26.46 -5.99 -24.08
CA LYS B 199 27.34 -5.27 -23.18
C LYS B 199 26.67 -4.95 -21.84
N LEU B 200 25.34 -4.97 -21.80
CA LEU B 200 24.59 -4.88 -20.55
C LEU B 200 23.69 -6.09 -20.42
N SER C 10 -31.55 -8.60 22.95
CA SER C 10 -31.68 -7.15 22.98
C SER C 10 -31.65 -6.63 24.42
N PRO C 11 -32.27 -7.35 25.35
CA PRO C 11 -32.18 -6.93 26.77
C PRO C 11 -30.80 -7.07 27.36
N SER C 12 -30.10 -8.17 27.09
CA SER C 12 -28.78 -8.43 27.68
C SER C 12 -27.64 -7.77 26.92
N ALA C 13 -27.93 -6.80 26.04
CA ALA C 13 -26.89 -6.16 25.26
C ALA C 13 -26.33 -4.95 26.00
N PRO C 14 -25.10 -4.55 25.69
CA PRO C 14 -24.53 -3.35 26.32
C PRO C 14 -25.42 -2.13 26.07
N VAL C 15 -25.81 -1.47 27.16
CA VAL C 15 -26.67 -0.30 27.07
C VAL C 15 -25.80 0.94 26.93
N ALA C 16 -26.19 1.83 26.03
CA ALA C 16 -25.44 3.07 25.83
C ALA C 16 -25.48 3.92 27.08
N GLY C 17 -24.40 4.67 27.29
CA GLY C 17 -24.27 5.50 28.47
C GLY C 17 -23.76 4.78 29.71
N LYS C 18 -23.77 3.45 29.71
CA LYS C 18 -23.26 2.67 30.85
C LYS C 18 -22.13 1.76 30.41
N ASP C 19 -22.41 0.74 29.59
CA ASP C 19 -21.35 -0.15 29.13
C ASP C 19 -20.43 0.53 28.14
N PHE C 20 -20.93 1.53 27.41
CA PHE C 20 -20.10 2.33 26.53
C PHE C 20 -20.70 3.74 26.48
N GLU C 21 -20.00 4.63 25.81
CA GLU C 21 -20.41 6.04 25.73
C GLU C 21 -20.37 6.49 24.29
N VAL C 22 -21.46 7.12 23.84
CA VAL C 22 -21.52 7.73 22.52
C VAL C 22 -20.96 9.13 22.65
N MET C 23 -19.79 9.37 22.06
CA MET C 23 -19.10 10.63 22.24
C MET C 23 -19.94 11.79 21.72
N LYS C 24 -19.87 12.92 22.41
CA LYS C 24 -20.58 14.12 21.97
C LYS C 24 -20.14 14.51 20.56
N SER C 25 -18.83 14.58 20.34
CA SER C 25 -18.26 14.97 19.04
C SER C 25 -17.50 13.80 18.45
N PRO C 26 -18.08 13.05 17.50
CA PRO C 26 -17.32 11.98 16.86
C PRO C 26 -16.11 12.52 16.10
N GLN C 27 -15.08 11.67 16.00
CA GLN C 27 -13.82 12.07 15.42
C GLN C 27 -13.65 11.49 14.03
N PRO C 28 -12.79 12.09 13.19
CA PRO C 28 -12.51 11.50 11.88
C PRO C 28 -12.03 10.07 11.99
N VAL C 29 -12.38 9.28 10.98
CA VAL C 29 -12.05 7.86 10.93
C VAL C 29 -11.06 7.64 9.80
N SER C 30 -9.91 7.06 10.13
CA SER C 30 -8.89 6.75 9.13
C SER C 30 -8.85 5.25 8.85
N ALA C 31 -9.98 4.69 8.43
CA ALA C 31 -10.08 3.29 8.08
C ALA C 31 -10.85 3.17 6.78
N PRO C 32 -10.45 2.28 5.87
CA PRO C 32 -11.19 2.13 4.62
C PRO C 32 -12.60 1.61 4.87
N ALA C 33 -13.48 1.88 3.92
CA ALA C 33 -14.82 1.33 3.98
C ALA C 33 -14.75 -0.20 4.04
N GLY C 34 -15.69 -0.79 4.78
CA GLY C 34 -15.68 -2.20 5.04
C GLY C 34 -14.85 -2.60 6.24
N LYS C 35 -14.07 -1.69 6.80
CA LYS C 35 -13.30 -1.94 8.02
C LYS C 35 -13.75 -0.98 9.10
N VAL C 36 -14.08 -1.52 10.27
CA VAL C 36 -14.40 -0.69 11.43
C VAL C 36 -13.11 -0.28 12.10
N GLU C 37 -13.02 0.98 12.50
CA GLU C 37 -11.83 1.47 13.16
C GLU C 37 -11.89 1.18 14.66
N VAL C 38 -10.76 0.77 15.22
CA VAL C 38 -10.65 0.47 16.65
C VAL C 38 -9.36 1.11 17.15
N ILE C 39 -9.46 1.97 18.15
CA ILE C 39 -8.33 2.66 18.73
C ILE C 39 -8.25 2.31 20.21
N GLU C 40 -7.11 1.77 20.64
CA GLU C 40 -6.85 1.55 22.06
C GLU C 40 -5.88 2.61 22.54
N PHE C 41 -6.37 3.53 23.37
CA PHE C 41 -5.50 4.42 24.12
C PHE C 41 -4.94 3.65 25.31
N PHE C 42 -3.62 3.57 25.40
CA PHE C 42 -2.97 2.71 26.39
C PHE C 42 -1.74 3.40 26.95
N TRP C 43 -1.17 2.78 27.98
CA TRP C 43 0.07 3.24 28.59
C TRP C 43 0.88 2.03 29.02
N TYR C 44 2.15 1.99 28.60
CA TYR C 44 3.02 0.89 28.97
C TYR C 44 3.00 0.61 30.47
N GLY C 45 2.80 1.65 31.29
CA GLY C 45 2.85 1.52 32.72
C GLY C 45 1.54 1.24 33.41
N CYS C 46 0.45 1.17 32.67
CA CYS C 46 -0.85 0.88 33.29
C CYS C 46 -1.02 -0.64 33.44
N PRO C 47 -1.18 -1.16 34.65
CA PRO C 47 -1.33 -2.61 34.80
C PRO C 47 -2.56 -3.16 34.11
N HIS C 48 -3.65 -2.40 34.04
CA HIS C 48 -4.83 -2.87 33.33
C HIS C 48 -4.56 -2.98 31.83
N ALA C 49 -3.80 -2.02 31.28
CA ALA C 49 -3.37 -2.14 29.89
C ALA C 49 -2.43 -3.33 29.72
N TYR C 50 -1.59 -3.59 30.73
CA TYR C 50 -0.68 -4.73 30.66
C TYR C 50 -1.45 -6.05 30.68
N GLU C 51 -2.40 -6.18 31.61
CA GLU C 51 -3.18 -7.41 31.72
C GLU C 51 -4.14 -7.59 30.55
N PHE C 52 -4.45 -6.52 29.83
CA PHE C 52 -5.40 -6.59 28.72
C PHE C 52 -4.76 -6.96 27.40
N GLU C 53 -3.43 -6.85 27.29
CA GLU C 53 -2.74 -7.08 26.03
C GLU C 53 -3.11 -8.40 25.36
N PRO C 54 -3.01 -9.55 26.02
CA PRO C 54 -3.35 -10.80 25.33
C PRO C 54 -4.79 -10.86 24.87
N THR C 55 -5.71 -10.30 25.66
CA THR C 55 -7.12 -10.32 25.29
C THR C 55 -7.37 -9.50 24.03
N ILE C 56 -6.85 -8.27 23.99
CA ILE C 56 -7.09 -7.42 22.82
C ILE C 56 -6.25 -7.90 21.64
N GLU C 57 -5.09 -8.49 21.90
CA GLU C 57 -4.26 -9.01 20.82
C GLU C 57 -4.96 -10.13 20.06
N ALA C 58 -5.50 -11.11 20.79
CA ALA C 58 -6.16 -12.23 20.15
C ALA C 58 -7.41 -11.77 19.40
N TRP C 59 -8.20 -10.89 20.02
CA TRP C 59 -9.44 -10.44 19.39
C TRP C 59 -9.15 -9.65 18.11
N VAL C 60 -8.16 -8.76 18.16
CA VAL C 60 -7.83 -7.96 16.97
C VAL C 60 -7.46 -8.87 15.81
N LYS C 61 -6.58 -9.84 16.05
CA LYS C 61 -6.17 -10.75 14.99
C LYS C 61 -7.33 -11.64 14.54
N LYS C 62 -8.27 -11.91 15.44
CA LYS C 62 -9.45 -12.70 15.05
C LYS C 62 -10.33 -11.93 14.08
N GLN C 63 -10.39 -10.61 14.19
CA GLN C 63 -11.19 -9.81 13.26
C GLN C 63 -10.53 -9.72 11.90
N GLY C 64 -9.20 -9.68 11.86
CA GLY C 64 -8.49 -9.70 10.59
C GLY C 64 -8.88 -8.52 9.71
N ASP C 65 -9.29 -8.83 8.47
CA ASP C 65 -9.61 -7.80 7.49
C ASP C 65 -10.83 -6.97 7.88
N LYS C 66 -11.55 -7.33 8.94
CA LYS C 66 -12.81 -6.67 9.25
C LYS C 66 -12.64 -5.40 10.08
N ILE C 67 -11.45 -5.14 10.62
CA ILE C 67 -11.20 -3.95 11.42
C ILE C 67 -9.86 -3.35 11.02
N ALA C 68 -9.64 -2.11 11.47
CA ALA C 68 -8.35 -1.44 11.37
C ALA C 68 -8.01 -0.96 12.78
N PHE C 69 -7.09 -1.66 13.43
CA PHE C 69 -6.77 -1.42 14.83
C PHE C 69 -5.45 -0.66 14.96
N LYS C 70 -5.44 0.31 15.88
CA LYS C 70 -4.23 1.07 16.16
C LYS C 70 -4.18 1.40 17.65
N ARG C 71 -2.97 1.62 18.14
CA ARG C 71 -2.74 2.03 19.51
C ARG C 71 -2.28 3.48 19.54
N VAL C 72 -2.64 4.18 20.61
CA VAL C 72 -2.21 5.55 20.84
C VAL C 72 -1.65 5.62 22.25
N PRO C 73 -0.37 5.91 22.44
CA PRO C 73 0.18 5.99 23.79
C PRO C 73 -0.37 7.20 24.53
N VAL C 74 -0.46 7.07 25.85
CA VAL C 74 -0.96 8.13 26.72
C VAL C 74 0.11 8.45 27.75
N ALA C 75 0.39 9.74 27.92
CA ALA C 75 1.32 10.22 28.94
C ALA C 75 0.55 11.20 29.82
N PHE C 76 0.05 10.72 30.96
CA PHE C 76 -0.77 11.56 31.82
C PHE C 76 0.04 12.67 32.46
N ARG C 77 1.31 12.39 32.78
CA ARG C 77 2.24 13.38 33.28
C ARG C 77 3.48 13.34 32.42
N ASP C 78 4.23 14.44 32.41
CA ASP C 78 5.42 14.52 31.57
C ASP C 78 6.47 13.47 31.93
N ASP C 79 6.37 12.87 33.11
CA ASP C 79 7.29 11.79 33.48
C ASP C 79 7.25 10.67 32.46
N PHE C 80 6.13 10.50 31.76
CA PHE C 80 5.89 9.33 30.93
C PHE C 80 5.86 9.65 29.44
N VAL C 81 6.13 10.89 29.04
CA VAL C 81 6.36 11.18 27.61
C VAL C 81 7.39 10.24 27.03
N PRO C 82 8.49 9.90 27.72
CA PRO C 82 9.42 8.90 27.17
C PRO C 82 8.77 7.58 26.79
N HIS C 83 7.66 7.21 27.42
CA HIS C 83 6.95 5.99 27.03
C HIS C 83 6.21 6.19 25.71
N SER C 84 5.63 7.37 25.49
CA SER C 84 5.01 7.66 24.21
C SER C 84 6.06 7.68 23.10
N LYS C 85 7.21 8.30 23.35
CA LYS C 85 8.29 8.28 22.36
C LYS C 85 8.79 6.86 22.13
N LEU C 86 8.80 6.03 23.18
CA LEU C 86 9.20 4.64 23.02
C LEU C 86 8.25 3.92 22.07
N PHE C 87 6.93 4.08 22.28
CA PHE C 87 5.96 3.41 21.42
C PHE C 87 6.21 3.74 19.95
N TYR C 88 6.38 5.03 19.63
CA TYR C 88 6.56 5.42 18.23
C TYR C 88 7.96 5.14 17.73
N ALA C 89 8.96 5.14 18.62
CA ALA C 89 10.31 4.78 18.20
C ALA C 89 10.38 3.30 17.81
N LEU C 90 9.73 2.44 18.59
CA LEU C 90 9.66 1.02 18.22
C LEU C 90 8.97 0.84 16.88
N ALA C 91 7.88 1.57 16.64
CA ALA C 91 7.19 1.47 15.36
C ALA C 91 8.05 1.99 14.22
N ALA C 92 8.86 3.02 14.47
CA ALA C 92 9.73 3.55 13.43
C ALA C 92 10.77 2.54 13.01
N LEU C 93 11.18 1.66 13.92
CA LEU C 93 12.13 0.60 13.62
C LEU C 93 11.46 -0.68 13.14
N GLY C 94 10.13 -0.73 13.15
CA GLY C 94 9.41 -1.93 12.74
C GLY C 94 9.54 -3.09 13.68
N VAL C 95 10.02 -2.87 14.91
CA VAL C 95 10.27 -3.95 15.85
C VAL C 95 9.21 -3.99 16.95
N SER C 96 8.07 -3.32 16.74
CA SER C 96 7.07 -3.21 17.80
C SER C 96 6.59 -4.57 18.28
N GLU C 97 6.20 -5.44 17.34
CA GLU C 97 5.57 -6.71 17.73
C GLU C 97 6.54 -7.63 18.47
N LYS C 98 7.84 -7.52 18.18
CA LYS C 98 8.80 -8.40 18.82
C LYS C 98 9.06 -8.02 20.27
N VAL C 99 9.32 -6.74 20.53
CA VAL C 99 9.86 -6.31 21.82
C VAL C 99 8.80 -5.78 22.78
N THR C 100 7.59 -5.50 22.32
CA THR C 100 6.59 -4.91 23.21
C THR C 100 6.28 -5.81 24.40
N PRO C 101 6.12 -7.12 24.27
CA PRO C 101 5.97 -7.96 25.47
C PRO C 101 7.14 -7.82 26.44
N ALA C 102 8.37 -7.78 25.92
CA ALA C 102 9.53 -7.57 26.79
C ALA C 102 9.45 -6.21 27.47
N VAL C 103 9.06 -5.17 26.72
CA VAL C 103 8.88 -3.85 27.32
C VAL C 103 7.89 -3.93 28.48
N PHE C 104 6.71 -4.52 28.22
CA PHE C 104 5.73 -4.68 29.29
C PHE C 104 6.30 -5.47 30.46
N ASN C 105 6.92 -6.61 30.17
CA ASN C 105 7.45 -7.45 31.25
C ASN C 105 8.49 -6.70 32.07
N ALA C 106 9.33 -5.90 31.42
CA ALA C 106 10.37 -5.17 32.14
C ALA C 106 9.75 -4.17 33.11
N ILE C 107 8.66 -3.52 32.71
CA ILE C 107 8.05 -2.49 33.55
C ILE C 107 7.29 -3.12 34.70
N HIS C 108 6.53 -4.19 34.43
CA HIS C 108 5.59 -4.75 35.39
C HIS C 108 6.12 -5.97 36.13
N LYS C 109 7.35 -6.41 35.84
CA LYS C 109 7.91 -7.58 36.51
C LYS C 109 9.38 -7.46 36.86
N GLU C 110 10.19 -6.73 36.09
CA GLU C 110 11.62 -6.60 36.34
C GLU C 110 11.98 -5.29 37.04
N LYS C 111 10.99 -4.50 37.41
CA LYS C 111 11.23 -3.22 38.09
C LYS C 111 12.11 -2.30 37.25
N ASN C 112 12.05 -2.44 35.93
CA ASN C 112 12.77 -1.57 35.00
C ASN C 112 11.71 -0.78 34.23
N TYR C 113 11.52 0.48 34.62
CA TYR C 113 10.39 1.26 34.16
C TYR C 113 10.65 1.99 32.85
N LEU C 114 11.89 1.96 32.34
CA LEU C 114 12.20 2.49 31.01
C LEU C 114 11.70 3.92 30.87
N LEU C 115 12.09 4.77 31.83
CA LEU C 115 11.61 6.14 31.88
C LEU C 115 12.53 7.12 31.16
N THR C 116 13.71 6.68 30.73
CA THR C 116 14.67 7.54 30.06
C THR C 116 15.15 6.87 28.78
N PRO C 117 15.42 7.64 27.72
CA PRO C 117 15.86 7.01 26.46
C PRO C 117 17.08 6.13 26.63
N GLN C 118 18.01 6.51 27.50
CA GLN C 118 19.20 5.69 27.71
C GLN C 118 18.83 4.34 28.32
N ALA C 119 18.00 4.35 29.36
CA ALA C 119 17.54 3.09 29.93
C ALA C 119 16.78 2.26 28.91
N GLN C 120 16.05 2.91 28.01
CA GLN C 120 15.36 2.19 26.94
C GLN C 120 16.36 1.60 25.95
N ALA C 121 17.31 2.41 25.50
CA ALA C 121 18.34 1.92 24.58
C ALA C 121 19.09 0.73 25.17
N ASP C 122 19.51 0.85 26.43
CA ASP C 122 20.22 -0.24 27.08
C ASP C 122 19.35 -1.50 27.11
N PHE C 123 18.09 -1.37 27.53
CA PHE C 123 17.22 -2.53 27.62
C PHE C 123 16.95 -3.12 26.24
N LEU C 124 16.66 -2.28 25.25
CA LEU C 124 16.33 -2.79 23.93
C LEU C 124 17.52 -3.42 23.23
N ALA C 125 18.75 -3.07 23.63
CA ALA C 125 19.92 -3.78 23.12
C ALA C 125 19.90 -5.23 23.58
N THR C 126 19.45 -5.47 24.82
CA THR C 126 19.27 -6.84 25.30
C THR C 126 18.35 -7.63 24.37
N GLN C 127 17.46 -6.94 23.65
CA GLN C 127 16.46 -7.59 22.83
C GLN C 127 16.81 -7.60 21.34
N GLY C 128 18.03 -7.22 20.99
CA GLY C 128 18.49 -7.27 19.62
C GLY C 128 18.40 -5.97 18.86
N VAL C 129 17.72 -4.97 19.41
CA VAL C 129 17.57 -3.69 18.72
C VAL C 129 18.88 -2.92 18.77
N ASP C 130 19.21 -2.27 17.65
CA ASP C 130 20.42 -1.45 17.60
C ASP C 130 20.25 -0.22 18.46
N LYS C 131 21.27 0.08 19.29
CA LYS C 131 21.19 1.19 20.21
C LYS C 131 21.06 2.52 19.47
N LYS C 132 22.03 2.84 18.61
CA LYS C 132 22.06 4.15 18.00
C LYS C 132 20.87 4.36 17.06
N LYS C 133 20.48 3.31 16.33
CA LYS C 133 19.33 3.43 15.44
C LYS C 133 18.05 3.71 16.22
N PHE C 134 17.97 3.22 17.46
CA PHE C 134 16.79 3.49 18.28
C PHE C 134 16.81 4.91 18.84
N LEU C 135 17.98 5.40 19.24
CA LEU C 135 18.05 6.74 19.82
C LEU C 135 17.88 7.82 18.76
N ASP C 136 18.36 7.57 17.53
CA ASP C 136 18.04 8.47 16.43
C ASP C 136 16.54 8.51 16.16
N ALA C 137 15.85 7.40 16.39
CA ALA C 137 14.39 7.39 16.24
C ALA C 137 13.73 8.09 17.42
N TYR C 138 14.28 7.92 18.61
CA TYR C 138 13.70 8.53 19.80
C TYR C 138 13.78 10.06 19.73
N ASN C 139 14.86 10.58 19.17
CA ASN C 139 15.08 12.02 19.09
C ASN C 139 14.70 12.61 17.74
N SER C 140 14.08 11.82 16.88
CA SER C 140 13.71 12.34 15.56
C SER C 140 12.52 13.29 15.69
N PHE C 141 12.40 14.19 14.70
CA PHE C 141 11.25 15.09 14.68
C PHE C 141 9.97 14.33 14.35
N SER C 142 10.08 13.24 13.58
CA SER C 142 8.90 12.44 13.26
C SER C 142 8.27 11.87 14.53
N VAL C 143 9.08 11.21 15.36
CA VAL C 143 8.57 10.69 16.62
C VAL C 143 8.08 11.83 17.52
N GLN C 144 8.84 12.92 17.58
CA GLN C 144 8.39 14.09 18.34
C GLN C 144 7.04 14.57 17.84
N GLY C 145 6.83 14.57 16.52
CA GLY C 145 5.55 14.98 15.99
C GLY C 145 4.43 14.02 16.34
N GLN C 146 4.71 12.72 16.30
CA GLN C 146 3.69 11.72 16.64
C GLN C 146 3.28 11.80 18.10
N VAL C 147 4.23 12.10 18.99
CA VAL C 147 3.91 12.26 20.40
C VAL C 147 2.97 13.44 20.61
N LYS C 148 3.31 14.60 20.03
CA LYS C 148 2.44 15.76 20.14
C LYS C 148 1.05 15.45 19.57
N GLN C 149 1.00 14.75 18.44
CA GLN C 149 -0.29 14.36 17.87
C GLN C 149 -1.07 13.48 18.85
N SER C 150 -0.40 12.48 19.43
CA SER C 150 -1.09 11.59 20.37
C SER C 150 -1.66 12.35 21.54
N ALA C 151 -0.92 13.34 22.05
CA ALA C 151 -1.44 14.18 23.12
C ALA C 151 -2.63 15.01 22.66
N GLU C 152 -2.70 15.33 21.37
CA GLU C 152 -3.86 16.04 20.85
C GLU C 152 -5.05 15.11 20.68
N LEU C 153 -4.80 13.85 20.29
CA LEU C 153 -5.88 12.88 20.20
C LEU C 153 -6.49 12.64 21.58
N LEU C 154 -5.65 12.60 22.62
CA LEU C 154 -6.14 12.46 23.98
C LEU C 154 -7.21 13.51 24.28
N LYS C 155 -6.97 14.76 23.87
CA LYS C 155 -7.94 15.82 24.11
C LYS C 155 -9.14 15.68 23.18
N ASN C 156 -8.92 15.32 21.93
CA ASN C 156 -10.02 15.23 20.98
C ASN C 156 -11.01 14.15 21.38
N TYR C 157 -10.52 12.96 21.74
CA TYR C 157 -11.37 11.87 22.15
C TYR C 157 -11.81 11.96 23.61
N ASN C 158 -11.41 13.01 24.33
CA ASN C 158 -11.77 13.18 25.73
C ASN C 158 -11.43 11.94 26.54
N ILE C 159 -10.26 11.38 26.27
CA ILE C 159 -9.77 10.23 27.03
C ILE C 159 -9.13 10.72 28.33
N ASP C 160 -9.60 10.17 29.45
CA ASP C 160 -9.07 10.51 30.76
C ASP C 160 -8.58 9.31 31.53
N GLY C 161 -8.66 8.10 30.94
CA GLY C 161 -8.16 6.91 31.58
C GLY C 161 -7.79 5.87 30.55
N VAL C 162 -6.92 4.94 30.96
CA VAL C 162 -6.49 3.87 30.08
C VAL C 162 -6.72 2.53 30.79
N PRO C 163 -6.96 1.43 30.04
CA PRO C 163 -7.10 1.44 28.58
C PRO C 163 -8.51 1.80 28.15
N THR C 164 -8.65 2.71 27.20
CA THR C 164 -9.93 3.07 26.63
C THR C 164 -9.91 2.73 25.14
N ILE C 165 -10.92 2.01 24.68
CA ILE C 165 -11.05 1.64 23.28
C ILE C 165 -12.15 2.47 22.65
N VAL C 166 -11.88 2.98 21.46
CA VAL C 166 -12.82 3.81 20.70
C VAL C 166 -13.14 3.08 19.40
N VAL C 167 -14.43 3.00 19.07
CA VAL C 167 -14.89 2.30 17.88
C VAL C 167 -15.49 3.31 16.91
N GLN C 168 -14.97 3.32 15.68
CA GLN C 168 -15.47 4.20 14.62
C GLN C 168 -15.54 5.66 15.09
N GLY C 169 -14.65 6.04 15.99
CA GLY C 169 -14.58 7.41 16.46
C GLY C 169 -15.85 7.93 17.10
N LYS C 170 -16.76 7.04 17.50
CA LYS C 170 -18.04 7.42 18.06
C LYS C 170 -18.29 6.84 19.44
N TYR C 171 -17.92 5.58 19.66
CA TYR C 171 -18.27 4.85 20.87
C TYR C 171 -17.00 4.53 21.64
N LYS C 172 -17.03 4.78 22.94
CA LYS C 172 -15.89 4.49 23.82
C LYS C 172 -16.31 3.47 24.87
N THR C 173 -15.40 2.55 25.18
CA THR C 173 -15.60 1.61 26.26
C THR C 173 -14.26 1.31 26.89
N GLY C 174 -14.27 0.43 27.89
CA GLY C 174 -13.10 0.11 28.67
C GLY C 174 -13.50 -0.23 30.09
N PRO C 175 -12.55 -0.68 30.89
CA PRO C 175 -12.89 -1.08 32.26
C PRO C 175 -13.50 0.05 33.09
N ALA C 176 -13.26 1.30 32.72
CA ALA C 176 -13.90 2.41 33.42
C ALA C 176 -15.42 2.35 33.31
N TYR C 177 -15.93 1.78 32.21
CA TYR C 177 -17.36 1.61 32.01
C TYR C 177 -17.84 0.23 32.45
N THR C 178 -17.03 -0.80 32.18
CA THR C 178 -17.45 -2.18 32.40
C THR C 178 -16.95 -2.76 33.71
N ASN C 179 -15.92 -2.18 34.32
CA ASN C 179 -15.34 -2.69 35.57
C ASN C 179 -14.77 -4.09 35.41
N SER C 180 -14.41 -4.48 34.18
CA SER C 180 -13.77 -5.76 33.93
C SER C 180 -13.18 -5.73 32.53
N LEU C 181 -12.00 -6.36 32.38
CA LEU C 181 -11.37 -6.43 31.07
C LEU C 181 -12.15 -7.33 30.12
N GLU C 182 -12.71 -8.43 30.65
CA GLU C 182 -13.59 -9.25 29.83
C GLU C 182 -14.80 -8.46 29.36
N GLY C 183 -15.41 -7.67 30.26
CA GLY C 183 -16.53 -6.85 29.86
C GLY C 183 -16.17 -5.88 28.75
N THR C 184 -14.96 -5.32 28.80
CA THR C 184 -14.52 -4.42 27.74
C THR C 184 -14.47 -5.16 26.40
N ALA C 185 -13.89 -6.35 26.39
CA ALA C 185 -13.82 -7.12 25.14
C ALA C 185 -15.20 -7.45 24.61
N GLN C 186 -16.11 -7.89 25.49
CA GLN C 186 -17.47 -8.20 25.05
C GLN C 186 -18.16 -6.96 24.50
N VAL C 187 -18.03 -5.82 25.18
CA VAL C 187 -18.62 -4.58 24.70
C VAL C 187 -18.00 -4.19 23.37
N LEU C 188 -16.67 -4.23 23.29
CA LEU C 188 -15.98 -3.88 22.05
C LEU C 188 -16.42 -4.79 20.90
N ASP C 189 -16.50 -6.10 21.15
CA ASP C 189 -16.96 -7.02 20.12
C ASP C 189 -18.37 -6.68 19.68
N PHE C 190 -19.23 -6.28 20.62
CA PHE C 190 -20.60 -5.91 20.29
C PHE C 190 -20.63 -4.64 19.44
N LEU C 191 -19.88 -3.61 19.85
CA LEU C 191 -19.90 -2.34 19.13
C LEU C 191 -19.50 -2.54 17.67
N VAL C 192 -18.43 -3.29 17.42
CA VAL C 192 -17.96 -3.49 16.06
C VAL C 192 -19.04 -4.14 15.22
N LYS C 193 -19.58 -5.28 15.68
CA LYS C 193 -20.62 -5.96 14.93
C LYS C 193 -21.80 -5.04 14.64
N GLN C 194 -22.20 -4.23 15.62
CA GLN C 194 -23.28 -3.27 15.40
C GLN C 194 -22.93 -2.31 14.27
N VAL C 195 -21.70 -1.80 14.26
CA VAL C 195 -21.27 -0.91 13.19
C VAL C 195 -21.30 -1.63 11.85
N GLN C 196 -20.84 -2.89 11.81
CA GLN C 196 -20.81 -3.64 10.58
C GLN C 196 -22.20 -3.82 9.98
N ASP C 197 -23.25 -3.76 10.80
CA ASP C 197 -24.62 -3.93 10.34
C ASP C 197 -25.34 -2.59 10.19
N LYS C 198 -24.61 -1.47 10.27
CA LYS C 198 -25.18 -0.13 10.16
C LYS C 198 -26.12 0.20 11.33
N LYS C 199 -26.26 -0.72 12.29
CA LYS C 199 -27.10 -0.43 13.44
C LYS C 199 -26.47 0.62 14.36
N LEU C 200 -25.15 0.75 14.32
CA LEU C 200 -24.44 1.82 15.02
C LEU C 200 -23.47 2.50 14.06
N ALA D 13 -26.47 -20.58 -13.41
CA ALA D 13 -25.65 -21.30 -12.43
C ALA D 13 -24.90 -22.45 -13.11
N PRO D 14 -23.71 -22.79 -12.61
CA PRO D 14 -23.05 -24.01 -13.08
C PRO D 14 -23.93 -25.23 -12.91
N VAL D 15 -23.98 -26.06 -13.94
CA VAL D 15 -24.80 -27.26 -13.94
C VAL D 15 -23.91 -28.48 -13.70
N ALA D 16 -24.31 -29.33 -12.77
CA ALA D 16 -23.60 -30.58 -12.55
C ALA D 16 -23.67 -31.44 -13.81
N GLY D 17 -22.52 -31.98 -14.23
CA GLY D 17 -22.41 -32.77 -15.42
C GLY D 17 -21.81 -32.03 -16.60
N LYS D 18 -21.96 -30.72 -16.65
CA LYS D 18 -21.45 -29.91 -17.76
C LYS D 18 -20.27 -29.04 -17.35
N ASP D 19 -20.41 -28.26 -16.28
CA ASP D 19 -19.37 -27.34 -15.83
C ASP D 19 -18.54 -27.88 -14.68
N PHE D 20 -19.05 -28.88 -13.96
CA PHE D 20 -18.28 -29.59 -12.96
C PHE D 20 -18.81 -31.02 -12.89
N GLU D 21 -18.09 -31.86 -12.15
CA GLU D 21 -18.40 -33.29 -12.10
C GLU D 21 -18.49 -33.73 -10.65
N VAL D 22 -19.62 -34.33 -10.28
CA VAL D 22 -19.72 -35.02 -9.01
C VAL D 22 -19.05 -36.38 -9.17
N MET D 23 -17.98 -36.60 -8.41
CA MET D 23 -17.23 -37.84 -8.52
C MET D 23 -18.06 -39.02 -8.06
N LYS D 24 -17.90 -40.16 -8.75
CA LYS D 24 -18.58 -41.37 -8.31
C LYS D 24 -18.15 -41.76 -6.89
N SER D 25 -16.87 -41.60 -6.58
CA SER D 25 -16.32 -41.99 -5.28
C SER D 25 -15.61 -40.80 -4.64
N PRO D 26 -16.26 -40.06 -3.75
CA PRO D 26 -15.56 -39.00 -3.02
C PRO D 26 -14.31 -39.52 -2.34
N GLN D 27 -13.30 -38.67 -2.26
CA GLN D 27 -12.04 -39.01 -1.61
C GLN D 27 -11.98 -38.44 -0.20
N PRO D 28 -11.08 -38.94 0.64
CA PRO D 28 -10.92 -38.34 1.97
C PRO D 28 -10.54 -36.88 1.87
N VAL D 29 -11.07 -36.08 2.79
CA VAL D 29 -10.81 -34.64 2.83
C VAL D 29 -9.82 -34.38 3.95
N SER D 30 -8.69 -33.76 3.61
CA SER D 30 -7.65 -33.44 4.57
C SER D 30 -7.86 -32.10 5.25
N ALA D 31 -8.79 -31.28 4.77
CA ALA D 31 -9.00 -29.96 5.33
C ALA D 31 -9.74 -30.04 6.66
N PRO D 32 -9.50 -29.09 7.57
CA PRO D 32 -10.24 -29.07 8.84
C PRO D 32 -11.66 -28.57 8.64
N ALA D 33 -12.51 -28.91 9.61
CA ALA D 33 -13.89 -28.43 9.58
C ALA D 33 -13.92 -26.90 9.61
N GLY D 34 -14.90 -26.33 8.93
CA GLY D 34 -14.98 -24.91 8.74
C GLY D 34 -14.33 -24.43 7.45
N LYS D 35 -13.27 -25.10 7.01
CA LYS D 35 -12.57 -24.76 5.78
C LYS D 35 -12.89 -25.79 4.70
N VAL D 36 -13.09 -25.32 3.48
CA VAL D 36 -13.33 -26.18 2.33
C VAL D 36 -12.00 -26.56 1.72
N GLU D 37 -11.88 -27.80 1.27
CA GLU D 37 -10.66 -28.27 0.62
C GLU D 37 -10.71 -27.96 -0.87
N VAL D 38 -9.62 -27.42 -1.40
CA VAL D 38 -9.46 -27.16 -2.83
C VAL D 38 -8.13 -27.72 -3.26
N ILE D 39 -8.14 -28.51 -4.33
CA ILE D 39 -6.94 -29.20 -4.81
C ILE D 39 -6.78 -28.89 -6.29
N GLU D 40 -5.66 -28.27 -6.65
CA GLU D 40 -5.33 -28.05 -8.06
C GLU D 40 -4.31 -29.11 -8.49
N PHE D 41 -4.74 -30.02 -9.34
CA PHE D 41 -3.80 -30.87 -10.08
C PHE D 41 -3.27 -30.07 -11.26
N PHE D 42 -1.95 -29.86 -11.30
CA PHE D 42 -1.35 -29.01 -12.30
C PHE D 42 -0.05 -29.64 -12.80
N TRP D 43 0.56 -28.99 -13.78
CA TRP D 43 1.84 -29.41 -14.32
C TRP D 43 2.63 -28.17 -14.72
N TYR D 44 3.88 -28.09 -14.27
CA TYR D 44 4.71 -26.92 -14.59
C TYR D 44 4.74 -26.63 -16.08
N GLY D 45 4.66 -27.66 -16.91
CA GLY D 45 4.78 -27.52 -18.34
C GLY D 45 3.47 -27.33 -19.07
N CYS D 46 2.34 -27.27 -18.37
CA CYS D 46 1.05 -27.07 -19.01
C CYS D 46 0.80 -25.58 -19.19
N PRO D 47 0.63 -25.09 -20.42
CA PRO D 47 0.40 -23.65 -20.60
C PRO D 47 -0.91 -23.18 -19.97
N HIS D 48 -1.93 -24.03 -19.94
CA HIS D 48 -3.18 -23.64 -19.29
C HIS D 48 -2.98 -23.47 -17.78
N ALA D 49 -2.19 -24.35 -17.16
CA ALA D 49 -1.85 -24.17 -15.75
C ALA D 49 -0.96 -22.96 -15.54
N TYR D 50 -0.10 -22.66 -16.52
CA TYR D 50 0.75 -21.47 -16.41
C TYR D 50 -0.08 -20.20 -16.43
N GLU D 51 -0.99 -20.08 -17.41
CA GLU D 51 -1.84 -18.90 -17.50
C GLU D 51 -2.80 -18.78 -16.33
N PHE D 52 -3.14 -19.89 -15.68
CA PHE D 52 -4.14 -19.87 -14.61
C PHE D 52 -3.56 -19.46 -13.27
N GLU D 53 -2.22 -19.49 -13.12
CA GLU D 53 -1.56 -19.22 -11.84
C GLU D 53 -2.05 -17.93 -11.21
N PRO D 54 -1.99 -16.79 -11.91
CA PRO D 54 -2.40 -15.53 -11.27
C PRO D 54 -3.85 -15.53 -10.82
N THR D 55 -4.75 -16.08 -11.63
CA THR D 55 -6.17 -16.11 -11.28
C THR D 55 -6.40 -16.96 -10.03
N ILE D 56 -5.92 -18.19 -10.04
CA ILE D 56 -6.16 -19.09 -8.91
C ILE D 56 -5.43 -18.58 -7.67
N GLU D 57 -4.23 -18.04 -7.85
CA GLU D 57 -3.45 -17.56 -6.70
C GLU D 57 -4.18 -16.42 -6.00
N ALA D 58 -4.68 -15.46 -6.78
CA ALA D 58 -5.44 -14.35 -6.18
C ALA D 58 -6.72 -14.86 -5.52
N TRP D 59 -7.44 -15.75 -6.19
CA TRP D 59 -8.68 -16.28 -5.61
C TRP D 59 -8.39 -16.97 -4.29
N VAL D 60 -7.37 -17.81 -4.25
CA VAL D 60 -7.04 -18.56 -3.03
C VAL D 60 -6.76 -17.59 -1.89
N LYS D 61 -5.91 -16.59 -2.14
CA LYS D 61 -5.56 -15.63 -1.08
C LYS D 61 -6.78 -14.85 -0.62
N LYS D 62 -7.71 -14.54 -1.53
CA LYS D 62 -8.91 -13.81 -1.13
C LYS D 62 -9.80 -14.66 -0.23
N GLN D 63 -9.88 -15.97 -0.49
CA GLN D 63 -10.66 -16.84 0.39
C GLN D 63 -10.05 -16.91 1.78
N GLY D 64 -8.73 -16.78 1.89
CA GLY D 64 -8.09 -16.77 3.19
C GLY D 64 -8.27 -18.08 3.91
N ASP D 65 -8.57 -17.99 5.21
CA ASP D 65 -8.61 -19.17 6.07
C ASP D 65 -9.93 -19.93 5.97
N LYS D 66 -10.79 -19.66 5.00
CA LYS D 66 -12.03 -20.41 4.86
C LYS D 66 -11.91 -21.55 3.86
N ILE D 67 -10.76 -21.66 3.18
CA ILE D 67 -10.47 -22.83 2.35
C ILE D 67 -9.12 -23.38 2.76
N ALA D 68 -8.88 -24.63 2.39
CA ALA D 68 -7.57 -25.27 2.53
C ALA D 68 -7.14 -25.68 1.13
N PHE D 69 -6.17 -24.97 0.58
CA PHE D 69 -5.76 -25.14 -0.81
C PHE D 69 -4.42 -25.85 -0.87
N LYS D 70 -4.28 -26.77 -1.82
CA LYS D 70 -3.02 -27.47 -2.04
C LYS D 70 -2.91 -27.84 -3.50
N ARG D 71 -1.66 -27.88 -3.99
CA ARG D 71 -1.38 -28.30 -5.35
C ARG D 71 -0.84 -29.72 -5.35
N VAL D 72 -1.14 -30.45 -6.43
CA VAL D 72 -0.62 -31.79 -6.63
C VAL D 72 -0.02 -31.84 -8.03
N PRO D 73 1.28 -32.11 -8.17
CA PRO D 73 1.86 -32.16 -9.51
C PRO D 73 1.39 -33.38 -10.28
N VAL D 74 1.47 -33.28 -11.59
CA VAL D 74 1.02 -34.33 -12.50
C VAL D 74 2.16 -34.66 -13.46
N ALA D 75 2.48 -35.93 -13.58
CA ALA D 75 3.52 -36.42 -14.49
C ALA D 75 2.86 -37.44 -15.41
N PHE D 76 2.32 -36.97 -16.53
CA PHE D 76 1.63 -37.85 -17.46
C PHE D 76 2.57 -38.89 -18.07
N ARG D 77 3.87 -38.63 -18.06
CA ARG D 77 4.84 -39.58 -18.56
C ARG D 77 6.12 -39.41 -17.76
N ASP D 78 6.92 -40.49 -17.71
CA ASP D 78 8.14 -40.47 -16.91
C ASP D 78 9.06 -39.31 -17.30
N ASP D 79 8.95 -38.79 -18.53
CA ASP D 79 9.71 -37.62 -18.91
C ASP D 79 9.53 -36.48 -17.93
N PHE D 80 8.38 -36.40 -17.27
CA PHE D 80 8.00 -35.25 -16.47
C PHE D 80 7.93 -35.54 -14.97
N VAL D 81 8.28 -36.75 -14.54
CA VAL D 81 8.38 -37.07 -13.12
C VAL D 81 9.35 -36.09 -12.47
N PRO D 82 10.47 -35.72 -13.13
CA PRO D 82 11.35 -34.70 -12.54
C PRO D 82 10.64 -33.41 -12.16
N HIS D 83 9.51 -33.12 -12.80
CA HIS D 83 8.75 -31.91 -12.45
C HIS D 83 7.96 -32.12 -11.17
N SER D 84 7.37 -33.30 -10.98
CA SER D 84 6.74 -33.63 -9.71
C SER D 84 7.77 -33.59 -8.58
N LYS D 85 8.94 -34.20 -8.82
CA LYS D 85 10.01 -34.12 -7.84
C LYS D 85 10.42 -32.68 -7.59
N LEU D 86 10.49 -31.87 -8.64
CA LEU D 86 10.79 -30.45 -8.47
C LEU D 86 9.78 -29.80 -7.55
N PHE D 87 8.48 -30.03 -7.80
CA PHE D 87 7.44 -29.42 -6.98
C PHE D 87 7.67 -29.70 -5.50
N TYR D 88 7.90 -30.96 -5.14
CA TYR D 88 8.04 -31.34 -3.74
C TYR D 88 9.40 -31.00 -3.16
N ALA D 89 10.44 -30.88 -4.00
CA ALA D 89 11.75 -30.47 -3.51
C ALA D 89 11.73 -29.01 -3.08
N LEU D 90 11.06 -28.15 -3.85
CA LEU D 90 10.96 -26.75 -3.48
C LEU D 90 10.22 -26.58 -2.15
N ALA D 91 9.07 -27.23 -2.01
CA ALA D 91 8.36 -27.18 -0.74
C ALA D 91 9.22 -27.68 0.40
N ALA D 92 10.02 -28.73 0.15
CA ALA D 92 10.90 -29.26 1.19
C ALA D 92 11.93 -28.22 1.62
N LEU D 93 12.32 -27.32 0.72
CA LEU D 93 13.24 -26.24 1.07
C LEU D 93 12.51 -24.99 1.55
N GLY D 94 11.18 -24.96 1.47
CA GLY D 94 10.42 -23.79 1.87
C GLY D 94 10.54 -22.61 0.94
N VAL D 95 11.02 -22.82 -0.28
CA VAL D 95 11.26 -21.74 -1.24
C VAL D 95 10.23 -21.73 -2.35
N SER D 96 9.12 -22.45 -2.19
CA SER D 96 8.16 -22.60 -3.28
C SER D 96 7.57 -21.26 -3.70
N GLU D 97 7.09 -20.48 -2.74
CA GLU D 97 6.41 -19.22 -3.08
C GLU D 97 7.31 -18.29 -3.86
N LYS D 98 8.62 -18.32 -3.60
CA LYS D 98 9.51 -17.32 -4.17
C LYS D 98 9.95 -17.68 -5.60
N VAL D 99 10.33 -18.94 -5.82
CA VAL D 99 10.96 -19.32 -7.08
C VAL D 99 9.98 -19.90 -8.10
N THR D 100 8.77 -20.30 -7.67
CA THR D 100 7.86 -20.95 -8.61
C THR D 100 7.52 -20.07 -9.81
N PRO D 101 7.24 -18.77 -9.66
CA PRO D 101 7.06 -17.95 -10.85
C PRO D 101 8.25 -17.98 -11.79
N ALA D 102 9.47 -17.93 -11.23
CA ALA D 102 10.66 -18.05 -12.07
C ALA D 102 10.76 -19.42 -12.72
N VAL D 103 10.28 -20.47 -12.04
CA VAL D 103 10.26 -21.80 -12.65
C VAL D 103 9.36 -21.80 -13.88
N PHE D 104 8.14 -21.26 -13.73
CA PHE D 104 7.22 -21.19 -14.86
C PHE D 104 7.82 -20.38 -16.01
N ASN D 105 8.42 -19.23 -15.70
CA ASN D 105 8.97 -18.38 -16.75
C ASN D 105 10.06 -19.11 -17.52
N ALA D 106 10.90 -19.88 -16.82
CA ALA D 106 11.96 -20.61 -17.49
C ALA D 106 11.40 -21.63 -18.47
N ILE D 107 10.29 -22.28 -18.11
CA ILE D 107 9.75 -23.34 -18.95
C ILE D 107 9.01 -22.76 -20.16
N HIS D 108 8.28 -21.68 -19.97
CA HIS D 108 7.36 -21.18 -20.99
C HIS D 108 7.88 -19.95 -21.72
N LYS D 109 9.01 -19.38 -21.31
CA LYS D 109 9.51 -18.15 -21.94
C LYS D 109 10.97 -18.25 -22.32
N GLU D 110 11.73 -19.08 -21.59
CA GLU D 110 13.18 -19.15 -21.77
C GLU D 110 13.65 -20.44 -22.42
N LYS D 111 12.72 -21.32 -22.81
CA LYS D 111 13.07 -22.59 -23.46
C LYS D 111 14.02 -23.42 -22.60
N ASN D 112 13.89 -23.31 -21.28
CA ASN D 112 14.63 -24.13 -20.32
C ASN D 112 13.59 -24.97 -19.57
N TYR D 113 13.44 -26.23 -19.99
CA TYR D 113 12.32 -27.05 -19.57
C TYR D 113 12.56 -27.80 -18.27
N LEU D 114 13.74 -27.66 -17.66
CA LEU D 114 13.98 -28.16 -16.31
C LEU D 114 13.60 -29.64 -16.20
N LEU D 115 14.07 -30.43 -17.15
CA LEU D 115 13.70 -31.84 -17.22
C LEU D 115 14.66 -32.76 -16.47
N THR D 116 15.78 -32.23 -15.99
CA THR D 116 16.76 -33.03 -15.27
C THR D 116 17.17 -32.31 -13.99
N PRO D 117 17.49 -33.06 -12.93
CA PRO D 117 17.85 -32.40 -11.67
C PRO D 117 19.04 -31.47 -11.79
N GLN D 118 20.03 -31.77 -12.65
CA GLN D 118 21.17 -30.88 -12.78
C GLN D 118 20.76 -29.56 -13.44
N ALA D 119 19.83 -29.62 -14.40
CA ALA D 119 19.32 -28.39 -15.00
C ALA D 119 18.51 -27.60 -13.98
N GLN D 120 17.74 -28.29 -13.14
CA GLN D 120 16.97 -27.60 -12.10
C GLN D 120 17.91 -26.97 -11.08
N ALA D 121 18.88 -27.74 -10.57
CA ALA D 121 19.84 -27.19 -9.64
C ALA D 121 20.59 -26.01 -10.24
N ASP D 122 21.03 -26.15 -11.50
CA ASP D 122 21.70 -25.05 -12.18
C ASP D 122 20.81 -23.81 -12.22
N PHE D 123 19.55 -23.97 -12.65
CA PHE D 123 18.64 -22.85 -12.74
C PHE D 123 18.38 -22.24 -11.37
N LEU D 124 18.08 -23.06 -10.37
CA LEU D 124 17.72 -22.55 -9.05
C LEU D 124 18.89 -21.90 -8.34
N ALA D 125 20.13 -22.23 -8.71
CA ALA D 125 21.27 -21.52 -8.17
C ALA D 125 21.30 -20.06 -8.63
N THR D 126 20.73 -19.77 -9.80
CA THR D 126 20.58 -18.40 -10.25
C THR D 126 19.42 -17.70 -9.56
N GLN D 127 18.68 -18.40 -8.71
CA GLN D 127 17.57 -17.83 -7.96
C GLN D 127 17.83 -17.77 -6.46
N GLY D 128 19.00 -18.19 -6.01
CA GLY D 128 19.36 -18.13 -4.61
C GLY D 128 19.23 -19.43 -3.84
N VAL D 129 19.05 -20.55 -4.52
CA VAL D 129 18.89 -21.85 -3.88
C VAL D 129 20.21 -22.61 -3.96
N ASP D 130 20.61 -23.22 -2.85
CA ASP D 130 21.85 -23.99 -2.82
C ASP D 130 21.68 -25.28 -3.61
N LYS D 131 22.60 -25.53 -4.54
CA LYS D 131 22.52 -26.71 -5.39
C LYS D 131 22.49 -27.99 -4.55
N LYS D 132 23.41 -28.11 -3.59
CA LYS D 132 23.50 -29.34 -2.81
C LYS D 132 22.27 -29.55 -1.96
N LYS D 133 21.73 -28.48 -1.37
CA LYS D 133 20.49 -28.61 -0.61
C LYS D 133 19.35 -29.08 -1.50
N PHE D 134 19.24 -28.53 -2.70
CA PHE D 134 18.12 -28.87 -3.57
C PHE D 134 18.21 -30.31 -4.04
N LEU D 135 19.39 -30.77 -4.43
CA LEU D 135 19.53 -32.14 -4.93
C LEU D 135 19.35 -33.15 -3.82
N ASP D 136 19.81 -32.85 -2.61
CA ASP D 136 19.55 -33.72 -1.48
C ASP D 136 18.05 -33.92 -1.27
N ALA D 137 17.28 -32.85 -1.44
CA ALA D 137 15.82 -32.97 -1.36
C ALA D 137 15.27 -33.71 -2.57
N TYR D 138 15.77 -33.38 -3.77
CA TYR D 138 15.30 -34.01 -4.99
C TYR D 138 15.44 -35.53 -4.93
N ASN D 139 16.57 -36.01 -4.42
CA ASN D 139 16.84 -37.45 -4.34
C ASN D 139 16.37 -38.07 -3.03
N SER D 140 15.81 -37.28 -2.11
CA SER D 140 15.41 -37.80 -0.81
C SER D 140 14.27 -38.81 -0.96
N PHE D 141 14.26 -39.77 -0.04
CA PHE D 141 13.17 -40.76 -0.03
C PHE D 141 11.84 -40.10 0.27
N SER D 142 11.83 -39.01 1.05
CA SER D 142 10.59 -38.31 1.35
C SER D 142 9.97 -37.76 0.08
N VAL D 143 10.75 -37.06 -0.73
CA VAL D 143 10.24 -36.53 -2.00
C VAL D 143 9.80 -37.67 -2.91
N GLN D 144 10.58 -38.74 -2.97
CA GLN D 144 10.17 -39.91 -3.76
C GLN D 144 8.83 -40.43 -3.29
N GLY D 145 8.57 -40.37 -1.99
CA GLY D 145 7.27 -40.78 -1.48
C GLY D 145 6.15 -39.84 -1.92
N GLN D 146 6.40 -38.53 -1.84
CA GLN D 146 5.37 -37.57 -2.23
C GLN D 146 5.04 -37.68 -3.71
N VAL D 147 6.04 -37.95 -4.55
CA VAL D 147 5.80 -38.11 -5.98
C VAL D 147 4.94 -39.34 -6.23
N LYS D 148 5.32 -40.49 -5.66
CA LYS D 148 4.51 -41.69 -5.81
C LYS D 148 3.09 -41.47 -5.31
N GLN D 149 2.96 -40.80 -4.15
CA GLN D 149 1.63 -40.47 -3.64
C GLN D 149 0.86 -39.64 -4.65
N SER D 150 1.49 -38.60 -5.20
CA SER D 150 0.80 -37.74 -6.16
C SER D 150 0.30 -38.55 -7.35
N ALA D 151 1.10 -39.51 -7.82
CA ALA D 151 0.65 -40.38 -8.90
C ALA D 151 -0.55 -41.21 -8.49
N GLU D 152 -0.66 -41.54 -7.19
CA GLU D 152 -1.79 -42.34 -6.73
C GLU D 152 -3.05 -41.49 -6.61
N LEU D 153 -2.92 -40.24 -6.17
CA LEU D 153 -4.08 -39.35 -6.12
C LEU D 153 -4.62 -39.10 -7.52
N LEU D 154 -3.75 -39.07 -8.52
CA LEU D 154 -4.18 -38.82 -9.89
C LEU D 154 -5.26 -39.80 -10.32
N LYS D 155 -5.11 -41.07 -9.98
CA LYS D 155 -6.10 -42.08 -10.34
C LYS D 155 -7.19 -42.25 -9.28
N ASN D 156 -6.90 -41.90 -8.02
CA ASN D 156 -7.96 -41.88 -7.02
C ASN D 156 -9.00 -40.81 -7.33
N TYR D 157 -8.57 -39.68 -7.89
CA TYR D 157 -9.48 -38.63 -8.34
C TYR D 157 -9.82 -38.74 -9.83
N ASN D 158 -9.24 -39.71 -10.53
CA ASN D 158 -9.51 -39.91 -11.97
C ASN D 158 -9.23 -38.63 -12.74
N ILE D 159 -8.05 -38.05 -12.52
CA ILE D 159 -7.64 -36.84 -13.20
C ILE D 159 -7.05 -37.20 -14.56
N ASP D 160 -7.70 -36.73 -15.63
CA ASP D 160 -7.28 -37.01 -16.99
C ASP D 160 -6.61 -35.80 -17.66
N GLY D 161 -6.54 -34.67 -16.99
CA GLY D 161 -5.93 -33.49 -17.58
C GLY D 161 -5.73 -32.41 -16.54
N VAL D 162 -4.95 -31.41 -16.91
CA VAL D 162 -4.63 -30.30 -16.01
C VAL D 162 -4.90 -28.98 -16.72
N PRO D 163 -5.22 -27.89 -15.99
CA PRO D 163 -5.42 -27.91 -14.55
C PRO D 163 -6.80 -28.44 -14.18
N THR D 164 -6.89 -29.28 -13.16
CA THR D 164 -8.16 -29.77 -12.65
C THR D 164 -8.28 -29.38 -11.19
N ILE D 165 -9.43 -28.82 -10.82
CA ILE D 165 -9.70 -28.35 -9.47
C ILE D 165 -10.76 -29.26 -8.85
N VAL D 166 -10.48 -29.78 -7.67
CA VAL D 166 -11.38 -30.66 -6.95
C VAL D 166 -11.74 -30.01 -5.62
N VAL D 167 -13.03 -29.89 -5.35
CA VAL D 167 -13.53 -29.22 -4.14
C VAL D 167 -14.12 -30.27 -3.21
N GLN D 168 -13.66 -30.26 -1.95
CA GLN D 168 -14.18 -31.13 -0.90
C GLN D 168 -14.20 -32.59 -1.32
N GLY D 169 -13.29 -32.97 -2.22
CA GLY D 169 -13.15 -34.35 -2.62
C GLY D 169 -14.30 -34.93 -3.41
N LYS D 170 -15.24 -34.11 -3.87
CA LYS D 170 -16.40 -34.59 -4.62
C LYS D 170 -16.54 -33.94 -5.99
N TYR D 171 -16.29 -32.65 -6.08
CA TYR D 171 -16.66 -31.86 -7.25
C TYR D 171 -15.42 -31.43 -8.00
N LYS D 172 -15.34 -31.80 -9.27
CA LYS D 172 -14.20 -31.50 -10.11
C LYS D 172 -14.61 -30.52 -11.20
N THR D 173 -13.82 -29.47 -11.38
CA THR D 173 -14.02 -28.50 -12.44
C THR D 173 -12.68 -28.23 -13.10
N GLY D 174 -12.68 -27.35 -14.10
CA GLY D 174 -11.50 -27.05 -14.85
C GLY D 174 -11.83 -26.69 -16.28
N PRO D 175 -10.86 -26.18 -17.03
CA PRO D 175 -11.15 -25.76 -18.41
C PRO D 175 -11.70 -26.88 -19.27
N ALA D 176 -11.36 -28.13 -18.99
CA ALA D 176 -11.90 -29.24 -19.78
C ALA D 176 -13.41 -29.30 -19.67
N TYR D 177 -13.98 -28.81 -18.56
CA TYR D 177 -15.42 -28.75 -18.39
C TYR D 177 -16.01 -27.43 -18.85
N THR D 178 -15.28 -26.33 -18.62
CA THR D 178 -15.81 -24.99 -18.81
C THR D 178 -15.31 -24.29 -20.06
N ASN D 179 -14.21 -24.76 -20.64
CA ASN D 179 -13.64 -24.18 -21.86
C ASN D 179 -13.13 -22.77 -21.66
N SER D 180 -12.79 -22.39 -20.42
CA SER D 180 -12.21 -21.08 -20.14
C SER D 180 -11.66 -21.09 -18.73
N LEU D 181 -10.51 -20.44 -18.54
CA LEU D 181 -9.93 -20.31 -17.20
C LEU D 181 -10.84 -19.49 -16.31
N GLU D 182 -11.33 -18.35 -16.81
CA GLU D 182 -12.28 -17.56 -16.05
C GLU D 182 -13.47 -18.41 -15.62
N GLY D 183 -14.06 -19.15 -16.56
CA GLY D 183 -15.18 -20.02 -16.23
C GLY D 183 -14.84 -21.03 -15.15
N THR D 184 -13.61 -21.54 -15.15
CA THR D 184 -13.19 -22.46 -14.10
C THR D 184 -13.20 -21.77 -12.73
N ALA D 185 -12.75 -20.52 -12.69
CA ALA D 185 -12.77 -19.79 -11.42
C ALA D 185 -14.19 -19.48 -10.98
N GLN D 186 -15.09 -19.19 -11.93
CA GLN D 186 -16.48 -18.98 -11.58
C GLN D 186 -17.08 -20.24 -10.97
N VAL D 187 -16.89 -21.38 -11.62
CA VAL D 187 -17.40 -22.65 -11.10
C VAL D 187 -16.78 -22.95 -9.74
N LEU D 188 -15.45 -22.85 -9.66
CA LEU D 188 -14.75 -23.12 -8.39
C LEU D 188 -15.29 -22.23 -7.28
N ASP D 189 -15.44 -20.92 -7.57
CA ASP D 189 -16.00 -20.01 -6.58
C ASP D 189 -17.41 -20.41 -6.21
N PHE D 190 -18.20 -20.82 -7.20
CA PHE D 190 -19.57 -21.28 -6.94
C PHE D 190 -19.57 -22.51 -6.06
N LEU D 191 -18.71 -23.48 -6.36
CA LEU D 191 -18.71 -24.74 -5.62
C LEU D 191 -18.36 -24.51 -4.16
N VAL D 192 -17.34 -23.72 -3.88
CA VAL D 192 -16.93 -23.48 -2.50
C VAL D 192 -18.06 -22.85 -1.70
N LYS D 193 -18.76 -21.88 -2.30
CA LYS D 193 -19.88 -21.25 -1.60
C LYS D 193 -21.00 -22.25 -1.33
N GLN D 194 -21.26 -23.15 -2.29
CA GLN D 194 -22.29 -24.17 -2.08
C GLN D 194 -21.90 -25.13 -0.97
N VAL D 195 -20.60 -25.44 -0.85
CA VAL D 195 -20.14 -26.31 0.22
C VAL D 195 -20.32 -25.64 1.58
N GLN D 196 -20.01 -24.34 1.65
CA GLN D 196 -20.12 -23.63 2.91
C GLN D 196 -21.56 -23.62 3.43
N ASP D 197 -22.53 -23.44 2.53
CA ASP D 197 -23.93 -23.35 2.91
C ASP D 197 -24.62 -24.70 2.92
N LYS D 198 -23.86 -25.80 2.85
CA LYS D 198 -24.37 -27.16 2.97
C LYS D 198 -25.22 -27.59 1.76
N LYS D 199 -25.32 -26.76 0.73
CA LYS D 199 -26.08 -27.14 -0.45
C LYS D 199 -25.38 -28.22 -1.27
N LEU D 200 -24.07 -28.36 -1.10
CA LEU D 200 -23.32 -29.43 -1.75
C LEU D 200 -22.37 -30.07 -0.76
N GLY E 1 14.45 13.10 -9.93
CA GLY E 1 14.11 14.51 -9.76
C GLY E 1 12.63 14.75 -9.59
N PHE E 2 11.81 14.06 -10.40
CA PHE E 2 10.37 14.18 -10.30
C PHE E 2 9.73 12.88 -10.73
N SER E 3 8.65 12.50 -10.04
CA SER E 3 7.88 11.30 -10.36
C SER E 3 6.73 11.22 -9.37
N CYS E 4 5.69 10.48 -9.75
CA CYS E 4 4.57 10.20 -8.84
C CYS E 4 4.95 8.99 -7.99
N GLY E 5 5.13 9.20 -6.69
CA GLY E 5 5.55 8.12 -5.82
C GLY E 5 5.14 8.29 -4.38
N PHE E 6 4.19 7.48 -3.94
CA PHE E 6 3.74 7.50 -2.54
C PHE E 6 3.04 6.20 -2.18
N GLY F 1 14.78 12.62 -5.00
CA GLY F 1 13.88 12.46 -3.87
C GLY F 1 12.47 12.13 -4.30
N PHE F 2 11.49 12.64 -3.56
CA PHE F 2 10.08 12.43 -3.85
C PHE F 2 9.31 13.68 -3.46
N SER F 3 8.21 13.92 -4.18
CA SER F 3 7.34 15.06 -3.92
C SER F 3 6.24 15.07 -4.97
N CYS F 4 5.17 15.81 -4.67
CA CYS F 4 4.10 16.07 -5.63
C CYS F 4 4.49 17.29 -6.44
N GLY F 5 4.78 17.08 -7.73
CA GLY F 5 5.24 18.17 -8.57
C GLY F 5 4.81 18.07 -10.02
N PHE F 6 3.85 18.91 -10.42
CA PHE F 6 3.40 18.97 -11.81
C PHE F 6 2.59 20.22 -12.07
N GLY G 1 -16.22 1.69 37.44
CA GLY G 1 -15.18 0.82 36.91
C GLY G 1 -13.79 1.24 37.32
N PHE G 2 -12.80 0.43 36.96
CA PHE G 2 -11.41 0.68 37.28
C PHE G 2 -10.64 1.09 36.03
N SER G 3 -9.58 1.88 36.23
CA SER G 3 -8.64 2.22 35.18
C SER G 3 -7.52 3.10 35.73
N CYS G 4 -6.57 3.49 34.89
CA CYS G 4 -5.50 4.39 35.28
C CYS G 4 -5.95 5.82 35.03
N GLY G 5 -6.23 6.55 36.11
CA GLY G 5 -6.88 7.84 36.02
C GLY G 5 -6.02 8.92 35.40
N PHE G 6 -6.57 10.13 35.41
CA PHE G 6 -5.95 11.30 34.79
C PHE G 6 -4.87 11.89 35.68
N GLY H 1 -13.74 -27.96 -24.28
CA GLY H 1 -12.70 -28.35 -23.34
C GLY H 1 -11.30 -28.17 -23.88
N PHE H 2 -10.41 -27.65 -23.03
CA PHE H 2 -8.99 -27.59 -23.37
C PHE H 2 -8.19 -27.81 -22.09
N SER H 3 -7.19 -28.67 -22.16
CA SER H 3 -6.38 -29.02 -21.01
C SER H 3 -5.27 -29.95 -21.46
N CYS H 4 -4.18 -29.98 -20.69
CA CYS H 4 -3.07 -30.89 -20.95
C CYS H 4 -3.44 -32.24 -20.38
N GLY H 5 -3.85 -33.17 -21.25
CA GLY H 5 -4.35 -34.46 -20.79
C GLY H 5 -3.87 -35.64 -21.60
N PHE H 6 -2.84 -36.33 -21.10
CA PHE H 6 -2.35 -37.55 -21.74
C PHE H 6 -1.62 -38.42 -20.72
#